data_5Y6Z
#
_entry.id   5Y6Z
#
_cell.length_a   93.724
_cell.length_b   93.724
_cell.length_c   167.512
_cell.angle_alpha   90.000
_cell.angle_beta   90.000
_cell.angle_gamma   120.000
#
_symmetry.space_group_name_H-M   'P 31'
#
loop_
_entity.id
_entity.type
_entity.pdbx_description
1 polymer 'Genome polyprotein'
2 polymer 'Template RNA (33-MER)'
3 polymer 'Product RNA (14-MER)'
4 non-polymer 'PHOSPHATE ION'
5 non-polymer GLYCEROL
6 non-polymer 'MAGNESIUM ION'
7 water water
#
loop_
_entity_poly.entity_id
_entity_poly.type
_entity_poly.pdbx_seq_one_letter_code
_entity_poly.pdbx_strand_id
1 'polypeptide(L)'
;GEIQWMKSNKETGRLNINGPTRTKLEPSAFYDVFEGSKKPAVLTSKDPRLEVDFEQALFSKYVGNTLHEPDEYVTQAALH
YANQLKQLDINVNKMSMEEACYGTEYLEAIDLHTSAGYPYSALGVKKRDILDPITRDTTKMKFYMDKYGLDLPYSTYVKD
ELRSLDKIRKGKSRLIEASSLNDSVYLRMTFGHLYETFHANPGTVTGSAVGCNPDVFWSKLPILLPGSLFAFDYSGYDAS
LSPVWFRALEVVLREIGYPEEAVSLIEGINHTHHVYRNRTYCVLGGMPSGCSGTSIFNSMINNIIIRTLLIKTFKGIDLD
ELHMVAYGDDVLASYPFPIDCLELAKTGKEYGLTMTPADKSPCFNEVTWENATFLKRGFLPDHQFPFLIHPTMPMREIHE
SIRWTKDARNTQDHVRSLCLLAWHNGKEEYEKFVSTIRSVPIGRALAIPNYENLRRNWLELFHHHHHH
;
A,E
2 'polyribonucleotide' GGGAGAUGAAAGUCUCCAGGUCUCUCGUCGAAA B,F
3 'polyribonucleotide' UGUUCGACGAGAGA C,G
#
# COMPACT_ATOMS: atom_id res chain seq x y z
N GLY A 1 1.40 -37.76 12.82
CA GLY A 1 1.00 -36.91 13.92
C GLY A 1 0.30 -37.65 15.03
N GLU A 2 0.47 -37.16 16.25
CA GLU A 2 0.08 -37.90 17.45
C GLU A 2 -0.23 -36.93 18.57
N ILE A 3 -1.37 -37.13 19.23
CA ILE A 3 -1.72 -36.30 20.38
C ILE A 3 -0.86 -36.74 21.56
N GLN A 4 -0.12 -35.79 22.13
CA GLN A 4 0.81 -36.13 23.20
C GLN A 4 0.12 -36.21 24.54
N TRP A 5 -0.72 -35.21 24.83
CA TRP A 5 -1.41 -35.15 26.10
C TRP A 5 -2.64 -34.29 25.91
N MET A 6 -3.59 -34.45 26.82
CA MET A 6 -4.86 -33.73 26.75
C MET A 6 -5.28 -33.48 28.17
N LYS A 7 -5.61 -32.23 28.50
CA LYS A 7 -5.75 -31.84 29.90
C LYS A 7 -6.82 -30.78 30.05
N SER A 8 -7.35 -30.68 31.28
CA SER A 8 -8.38 -29.71 31.60
C SER A 8 -7.91 -28.29 31.29
N ASN A 9 -8.86 -27.43 30.89
CA ASN A 9 -8.53 -26.02 30.78
C ASN A 9 -8.39 -25.37 32.16
N LYS A 10 -9.15 -25.85 33.15
CA LYS A 10 -8.89 -25.45 34.53
C LYS A 10 -7.45 -25.72 34.90
N GLU A 11 -6.86 -26.77 34.33
CA GLU A 11 -5.48 -27.16 34.61
C GLU A 11 -4.45 -26.42 33.77
N THR A 12 -4.79 -26.00 32.54
CA THR A 12 -3.85 -25.26 31.71
C THR A 12 -4.14 -23.76 31.70
N GLY A 13 -5.24 -23.33 32.30
CA GLY A 13 -5.60 -21.92 32.31
C GLY A 13 -6.07 -21.35 30.99
N ARG A 14 -6.30 -22.18 29.98
CA ARG A 14 -6.74 -21.68 28.68
C ARG A 14 -8.23 -21.35 28.74
N LEU A 15 -8.60 -20.17 28.25
CA LEU A 15 -10.00 -19.87 28.00
C LEU A 15 -10.62 -20.94 27.10
N ASN A 16 -11.90 -21.21 27.32
CA ASN A 16 -12.60 -22.23 26.55
C ASN A 16 -13.17 -21.67 25.26
N ILE A 17 -13.07 -22.46 24.19
CA ILE A 17 -13.48 -22.06 22.84
C ILE A 17 -14.61 -22.99 22.45
N ASN A 18 -15.85 -22.49 22.50
CA ASN A 18 -17.02 -23.32 22.22
C ASN A 18 -17.77 -22.75 21.02
N GLY A 19 -17.79 -23.51 19.93
CA GLY A 19 -18.46 -23.08 18.73
C GLY A 19 -19.88 -23.60 18.64
N PRO A 20 -20.59 -23.18 17.59
CA PRO A 20 -22.01 -23.54 17.45
C PRO A 20 -22.19 -25.00 17.12
N THR A 21 -23.32 -25.54 17.55
CA THR A 21 -23.60 -26.97 17.37
C THR A 21 -24.65 -27.25 16.30
N ARG A 22 -25.30 -26.21 15.74
CA ARG A 22 -26.33 -26.36 14.73
C ARG A 22 -25.84 -25.88 13.37
N THR A 23 -26.26 -26.60 12.32
CA THR A 23 -25.78 -26.36 10.97
C THR A 23 -26.50 -25.18 10.32
N LYS A 24 -25.78 -24.50 9.42
CA LYS A 24 -26.37 -23.44 8.62
C LYS A 24 -26.94 -23.97 7.31
N LEU A 25 -26.77 -25.27 7.04
CA LEU A 25 -27.29 -25.92 5.86
C LEU A 25 -28.73 -26.38 6.08
N GLU A 26 -29.56 -26.19 5.07
CA GLU A 26 -30.96 -26.59 5.13
C GLU A 26 -31.37 -27.06 3.75
N PRO A 27 -32.36 -27.94 3.64
CA PRO A 27 -32.82 -28.37 2.32
C PRO A 27 -33.14 -27.18 1.44
N SER A 28 -32.76 -27.28 0.16
CA SER A 28 -32.91 -26.22 -0.83
C SER A 28 -34.25 -26.36 -1.55
N ALA A 29 -34.49 -25.45 -2.49
CA ALA A 29 -35.69 -25.58 -3.32
C ALA A 29 -35.65 -26.83 -4.19
N PHE A 30 -34.46 -27.45 -4.35
CA PHE A 30 -34.27 -28.63 -5.19
C PHE A 30 -33.94 -29.88 -4.38
N TYR A 31 -34.15 -29.86 -3.05
CA TYR A 31 -33.99 -31.06 -2.25
C TYR A 31 -34.86 -32.20 -2.77
N ASP A 32 -36.07 -31.87 -3.25
CA ASP A 32 -37.06 -32.89 -3.62
C ASP A 32 -36.81 -33.47 -5.02
N VAL A 33 -36.29 -32.68 -5.96
CA VAL A 33 -36.21 -33.13 -7.36
C VAL A 33 -34.84 -33.72 -7.72
N PHE A 34 -33.88 -33.71 -6.82
CA PHE A 34 -32.61 -34.38 -7.03
C PHE A 34 -32.37 -35.40 -5.92
N GLU A 35 -31.73 -36.50 -6.29
CA GLU A 35 -31.39 -37.55 -5.37
C GLU A 35 -30.00 -37.30 -4.84
N GLY A 36 -29.82 -37.53 -3.55
CA GLY A 36 -28.53 -37.39 -2.91
C GLY A 36 -28.54 -38.09 -1.58
N SER A 37 -27.35 -38.37 -1.06
CA SER A 37 -27.22 -39.02 0.24
C SER A 37 -26.30 -38.30 1.23
N LYS A 38 -25.71 -37.17 0.87
CA LYS A 38 -24.93 -36.41 1.85
C LYS A 38 -25.83 -35.61 2.76
N LYS A 39 -25.42 -35.50 4.03
CA LYS A 39 -26.06 -34.67 5.05
C LYS A 39 -25.03 -33.74 5.66
N PRO A 40 -25.48 -32.66 6.28
CA PRO A 40 -24.56 -31.86 7.10
C PRO A 40 -23.81 -32.72 8.11
N ALA A 41 -22.54 -32.40 8.33
CA ALA A 41 -21.69 -33.17 9.24
C ALA A 41 -22.26 -33.17 10.66
N VAL A 42 -21.88 -34.21 11.42
CA VAL A 42 -22.16 -34.22 12.85
C VAL A 42 -21.39 -33.10 13.52
N LEU A 43 -22.06 -32.33 14.36
CA LEU A 43 -21.44 -31.20 15.03
C LEU A 43 -21.40 -31.35 16.55
N THR A 44 -22.19 -32.24 17.13
CA THR A 44 -22.12 -32.54 18.55
C THR A 44 -22.28 -34.03 18.78
N SER A 45 -21.72 -34.51 19.90
CA SER A 45 -21.83 -35.91 20.30
C SER A 45 -23.26 -36.35 20.55
N LYS A 46 -24.19 -35.40 20.68
CA LYS A 46 -25.59 -35.71 20.90
C LYS A 46 -26.33 -36.12 19.63
N ASP A 47 -25.66 -36.17 18.48
CA ASP A 47 -26.36 -36.26 17.19
C ASP A 47 -27.05 -37.61 17.06
N PRO A 48 -28.37 -37.67 16.89
CA PRO A 48 -29.06 -38.95 16.73
C PRO A 48 -28.46 -39.86 15.68
N ARG A 49 -27.91 -39.31 14.59
CA ARG A 49 -27.41 -40.13 13.51
C ARG A 49 -26.14 -40.88 13.87
N LEU A 50 -25.54 -40.56 15.02
CA LEU A 50 -24.26 -41.15 15.43
C LEU A 50 -24.41 -42.62 15.81
N GLU A 51 -23.55 -43.46 15.25
CA GLU A 51 -23.46 -44.86 15.61
C GLU A 51 -22.15 -45.20 16.33
N VAL A 52 -21.35 -44.20 16.70
CA VAL A 52 -20.05 -44.39 17.35
C VAL A 52 -19.87 -43.30 18.40
N ASP A 53 -18.76 -43.38 19.14
CA ASP A 53 -18.39 -42.29 20.03
C ASP A 53 -17.74 -41.17 19.23
N PHE A 54 -18.29 -39.97 19.36
CA PHE A 54 -17.90 -38.86 18.51
C PHE A 54 -16.43 -38.54 18.67
N GLU A 55 -16.04 -38.11 19.88
CA GLU A 55 -14.74 -37.48 20.07
C GLU A 55 -13.60 -38.44 19.74
N GLN A 56 -13.81 -39.74 19.91
CA GLN A 56 -12.77 -40.67 19.50
C GLN A 56 -12.66 -40.73 17.99
N ALA A 57 -13.80 -40.58 17.32
CA ALA A 57 -13.79 -40.49 15.87
C ALA A 57 -13.11 -39.20 15.40
N LEU A 58 -13.47 -38.07 16.01
CA LEU A 58 -12.89 -36.78 15.64
C LEU A 58 -11.36 -36.80 15.69
N PHE A 59 -10.79 -37.47 16.69
CA PHE A 59 -9.34 -37.45 16.86
C PHE A 59 -8.67 -38.72 16.37
N SER A 60 -9.43 -39.66 15.83
CA SER A 60 -8.84 -40.90 15.36
C SER A 60 -7.80 -40.70 14.27
N LYS A 61 -7.78 -39.52 13.63
CA LYS A 61 -6.87 -39.32 12.50
C LYS A 61 -5.40 -39.27 12.94
N TYR A 62 -5.11 -39.01 14.20
CA TYR A 62 -3.72 -38.88 14.62
C TYR A 62 -3.14 -40.28 14.86
N VAL A 63 -2.63 -40.88 13.78
CA VAL A 63 -2.30 -42.31 13.73
C VAL A 63 -0.86 -42.54 14.16
N GLY A 64 -0.31 -41.62 14.96
CA GLY A 64 1.03 -41.74 15.45
C GLY A 64 2.05 -41.06 14.57
N ASN A 65 3.31 -41.28 14.90
CA ASN A 65 4.45 -40.76 14.14
C ASN A 65 5.44 -41.89 13.89
N THR A 66 6.26 -41.73 12.84
CA THR A 66 7.32 -42.69 12.59
C THR A 66 8.63 -41.94 12.64
N LEU A 67 9.25 -41.61 11.51
CA LEU A 67 10.51 -40.90 11.53
C LEU A 67 10.33 -39.46 12.04
N HIS A 68 11.19 -39.07 12.97
CA HIS A 68 11.30 -37.70 13.44
C HIS A 68 12.36 -36.91 12.66
N GLU A 69 13.13 -37.58 11.81
CA GLU A 69 14.41 -37.06 11.43
C GLU A 69 14.80 -37.55 10.04
N PRO A 70 15.37 -36.70 9.20
CA PRO A 70 15.67 -37.11 7.82
C PRO A 70 16.72 -38.22 7.76
N ASP A 71 16.45 -39.21 6.90
CA ASP A 71 17.53 -40.04 6.38
C ASP A 71 18.12 -39.34 5.15
N GLU A 72 19.10 -39.98 4.52
CA GLU A 72 19.72 -39.35 3.35
C GLU A 72 18.73 -39.15 2.19
N TYR A 73 17.69 -39.99 2.09
CA TYR A 73 16.76 -39.88 0.96
C TYR A 73 15.91 -38.63 1.09
N VAL A 74 15.20 -38.48 2.22
CA VAL A 74 14.59 -37.21 2.60
C VAL A 74 15.52 -36.04 2.31
N THR A 75 16.78 -36.14 2.70
CA THR A 75 17.67 -34.98 2.62
C THR A 75 17.96 -34.60 1.18
N GLN A 76 18.20 -35.58 0.32
CA GLN A 76 18.50 -35.26 -1.08
C GLN A 76 17.24 -34.79 -1.80
N ALA A 77 16.10 -35.43 -1.50
CA ALA A 77 14.80 -34.95 -1.97
C ALA A 77 14.58 -33.48 -1.60
N ALA A 78 14.78 -33.14 -0.33
CA ALA A 78 14.50 -31.77 0.09
C ALA A 78 15.40 -30.79 -0.66
N LEU A 79 16.67 -31.16 -0.88
CA LEU A 79 17.59 -30.28 -1.56
C LEU A 79 17.38 -30.21 -3.07
N HIS A 80 16.84 -31.28 -3.68
CA HIS A 80 16.48 -31.18 -5.09
C HIS A 80 15.29 -30.26 -5.26
N TYR A 81 14.28 -30.40 -4.41
CA TYR A 81 13.15 -29.49 -4.46
C TYR A 81 13.59 -28.06 -4.18
N ALA A 82 14.42 -27.87 -3.14
CA ALA A 82 14.89 -26.53 -2.81
C ALA A 82 15.70 -25.91 -3.95
N ASN A 83 16.50 -26.72 -4.65
CA ASN A 83 17.28 -26.20 -5.76
C ASN A 83 16.38 -25.74 -6.90
N GLN A 84 15.36 -26.55 -7.20
CA GLN A 84 14.35 -26.17 -8.17
C GLN A 84 13.73 -24.81 -7.82
N LEU A 85 13.41 -24.61 -6.54
CA LEU A 85 12.78 -23.35 -6.12
C LEU A 85 13.69 -22.14 -6.28
N LYS A 86 15.01 -22.32 -6.38
CA LYS A 86 15.91 -21.17 -6.46
C LYS A 86 15.62 -20.26 -7.65
N GLN A 87 15.21 -20.81 -8.80
CA GLN A 87 14.96 -19.96 -9.97
C GLN A 87 13.90 -18.90 -9.73
N LEU A 88 12.98 -19.12 -8.78
CA LEU A 88 11.95 -18.12 -8.49
C LEU A 88 12.50 -16.89 -7.78
N ASP A 89 13.66 -16.98 -7.14
CA ASP A 89 14.28 -15.82 -6.44
C ASP A 89 13.40 -15.28 -5.34
N ILE A 90 12.89 -16.21 -4.51
CA ILE A 90 11.99 -15.85 -3.43
C ILE A 90 12.67 -14.86 -2.50
N ASN A 91 11.94 -13.78 -2.14
CA ASN A 91 12.45 -12.74 -1.26
C ASN A 91 12.27 -13.18 0.19
N VAL A 92 13.36 -13.49 0.88
CA VAL A 92 13.26 -14.07 2.21
C VAL A 92 13.18 -12.99 3.28
N ASN A 93 13.13 -11.73 2.86
CA ASN A 93 12.98 -10.63 3.80
C ASN A 93 11.59 -10.65 4.44
N LYS A 94 11.51 -10.04 5.61
CA LYS A 94 10.25 -9.91 6.32
C LYS A 94 9.33 -8.91 5.63
N MET A 95 8.06 -9.23 5.63
CA MET A 95 7.03 -8.30 5.21
C MET A 95 6.72 -7.36 6.36
N SER A 96 6.41 -6.11 6.04
CA SER A 96 5.99 -5.22 7.10
C SER A 96 4.74 -5.79 7.76
N MET A 97 4.43 -5.30 8.96
CA MET A 97 3.17 -5.71 9.58
C MET A 97 1.98 -5.17 8.77
N GLU A 98 2.11 -3.97 8.22
CA GLU A 98 1.04 -3.37 7.42
C GLU A 98 0.73 -4.23 6.20
N GLU A 99 1.77 -4.73 5.53
CA GLU A 99 1.54 -5.62 4.40
C GLU A 99 1.01 -6.98 4.84
N ALA A 100 1.59 -7.53 5.90
CA ALA A 100 1.05 -8.77 6.47
C ALA A 100 -0.41 -8.61 6.83
N CYS A 101 -0.78 -7.44 7.34
CA CYS A 101 -2.15 -7.25 7.79
C CYS A 101 -3.09 -6.93 6.63
N TYR A 102 -2.72 -5.97 5.77
CA TYR A 102 -3.68 -5.37 4.84
C TYR A 102 -3.48 -5.75 3.37
N GLY A 103 -2.43 -6.49 3.04
CA GLY A 103 -2.35 -7.14 1.75
C GLY A 103 -1.39 -6.42 0.82
N THR A 104 -1.11 -7.11 -0.29
CA THR A 104 -0.36 -6.58 -1.43
C THR A 104 -0.97 -7.20 -2.68
N GLU A 105 -0.31 -7.00 -3.82
CA GLU A 105 -0.80 -7.55 -5.08
C GLU A 105 -1.04 -9.06 -4.98
N TYR A 106 -0.04 -9.83 -4.54
CA TYR A 106 -0.13 -11.29 -4.55
C TYR A 106 -0.39 -11.88 -3.19
N LEU A 107 -0.61 -11.04 -2.17
CA LEU A 107 -1.01 -11.47 -0.83
C LEU A 107 -2.33 -10.78 -0.47
N GLU A 108 -3.38 -11.57 -0.30
CA GLU A 108 -4.65 -10.99 0.10
C GLU A 108 -4.57 -10.48 1.53
N ALA A 109 -5.33 -9.42 1.81
CA ALA A 109 -5.46 -8.94 3.16
C ALA A 109 -6.00 -10.03 4.07
N ILE A 110 -5.68 -9.92 5.37
CA ILE A 110 -6.19 -10.86 6.34
C ILE A 110 -7.70 -10.78 6.34
N ASP A 111 -8.34 -11.95 6.39
CA ASP A 111 -9.78 -12.01 6.20
C ASP A 111 -10.45 -11.45 7.45
N LEU A 112 -11.08 -10.29 7.30
CA LEU A 112 -11.73 -9.60 8.41
C LEU A 112 -13.13 -10.13 8.71
N HIS A 113 -13.59 -11.15 7.98
CA HIS A 113 -14.93 -11.69 8.20
C HIS A 113 -14.93 -13.03 8.92
N THR A 114 -13.77 -13.46 9.45
CA THR A 114 -13.61 -14.72 10.18
C THR A 114 -12.98 -14.44 11.55
N SER A 115 -13.07 -15.44 12.43
CA SER A 115 -12.69 -15.30 13.83
C SER A 115 -11.27 -14.76 13.96
N ALA A 116 -11.00 -14.14 15.12
CA ALA A 116 -9.64 -13.72 15.45
C ALA A 116 -8.88 -14.78 16.25
N GLY A 117 -9.51 -15.91 16.56
CA GLY A 117 -8.81 -17.02 17.20
C GLY A 117 -8.62 -16.82 18.69
N TYR A 118 -7.86 -17.74 19.29
CA TYR A 118 -7.55 -17.64 20.71
C TYR A 118 -6.60 -16.47 20.90
N PRO A 119 -6.81 -15.65 21.95
CA PRO A 119 -7.89 -15.74 22.94
C PRO A 119 -9.07 -14.83 22.60
N TYR A 120 -8.91 -14.03 21.55
CA TYR A 120 -9.83 -12.94 21.26
C TYR A 120 -11.28 -13.39 21.28
N SER A 121 -11.57 -14.54 20.66
CA SER A 121 -12.97 -14.95 20.52
C SER A 121 -13.61 -15.16 21.88
N ALA A 122 -12.93 -15.89 22.78
CA ALA A 122 -13.43 -16.03 24.13
C ALA A 122 -13.56 -14.67 24.84
N LEU A 123 -12.84 -13.64 24.38
CA LEU A 123 -12.90 -12.33 24.98
C LEU A 123 -13.81 -11.37 24.23
N GLY A 124 -14.44 -11.82 23.14
CA GLY A 124 -15.34 -10.96 22.40
C GLY A 124 -14.68 -9.92 21.51
N VAL A 125 -13.39 -10.06 21.21
CA VAL A 125 -12.72 -9.20 20.24
C VAL A 125 -12.79 -9.87 18.87
N LYS A 126 -13.26 -9.13 17.88
CA LYS A 126 -13.26 -9.53 16.48
C LYS A 126 -12.08 -8.88 15.75
N LYS A 127 -11.66 -9.53 14.66
CA LYS A 127 -10.59 -8.96 13.85
C LYS A 127 -10.86 -7.49 13.52
N ARG A 128 -12.07 -7.18 13.03
CA ARG A 128 -12.43 -5.82 12.66
C ARG A 128 -12.41 -4.85 13.83
N ASP A 129 -12.34 -5.35 15.06
CA ASP A 129 -12.12 -4.46 16.20
C ASP A 129 -10.65 -4.15 16.41
N ILE A 130 -9.77 -4.81 15.67
CA ILE A 130 -8.33 -4.59 15.75
C ILE A 130 -7.76 -4.07 14.45
N LEU A 131 -8.24 -4.57 13.32
CA LEU A 131 -7.75 -4.18 12.01
C LEU A 131 -8.79 -3.33 11.29
N ASP A 132 -8.31 -2.45 10.41
CA ASP A 132 -9.21 -1.48 9.83
C ASP A 132 -8.79 -1.17 8.40
N PRO A 133 -9.60 -1.57 7.42
CA PRO A 133 -9.15 -1.45 6.00
C PRO A 133 -8.91 -0.02 5.57
N ILE A 134 -9.46 0.97 6.29
CA ILE A 134 -9.44 2.36 5.82
C ILE A 134 -8.23 3.08 6.40
N THR A 135 -8.16 3.12 7.73
CA THR A 135 -6.97 3.64 8.42
C THR A 135 -5.73 2.85 8.02
N ARG A 136 -5.87 1.54 7.83
CA ARG A 136 -4.74 0.61 7.66
C ARG A 136 -3.81 0.64 8.88
N ASP A 137 -4.39 0.82 10.07
CA ASP A 137 -3.61 0.96 11.29
C ASP A 137 -3.07 -0.39 11.80
N THR A 138 -1.83 -0.41 12.26
CA THR A 138 -1.27 -1.62 12.87
C THR A 138 -0.82 -1.42 14.31
N THR A 139 -1.12 -0.28 14.94
CA THR A 139 -0.71 -0.11 16.34
C THR A 139 -1.55 -0.98 17.27
N LYS A 140 -2.87 -1.04 17.04
CA LYS A 140 -3.69 -1.96 17.83
C LYS A 140 -3.22 -3.40 17.65
N MET A 141 -2.83 -3.77 16.43
CA MET A 141 -2.31 -5.11 16.20
C MET A 141 -1.02 -5.36 16.98
N LYS A 142 -0.03 -4.46 16.85
CA LYS A 142 1.24 -4.61 17.55
C LYS A 142 1.05 -4.68 19.06
N PHE A 143 0.20 -3.81 19.61
CA PHE A 143 -0.14 -3.86 21.03
C PHE A 143 -0.57 -5.27 21.44
N TYR A 144 -1.50 -5.87 20.68
CA TYR A 144 -2.04 -7.16 21.08
C TYR A 144 -1.07 -8.30 20.81
N MET A 145 -0.17 -8.13 19.85
CA MET A 145 0.93 -9.08 19.72
C MET A 145 1.87 -9.00 20.91
N ASP A 146 2.11 -7.78 21.42
CA ASP A 146 2.88 -7.64 22.65
C ASP A 146 2.15 -8.26 23.82
N LYS A 147 0.84 -8.00 23.94
CA LYS A 147 0.09 -8.43 25.11
C LYS A 147 0.00 -9.94 25.21
N TYR A 148 -0.32 -10.62 24.10
CA TYR A 148 -0.58 -12.05 24.13
C TYR A 148 0.50 -12.90 23.50
N GLY A 149 1.50 -12.27 22.88
CA GLY A 149 2.65 -12.99 22.41
C GLY A 149 2.38 -13.77 21.13
N LEU A 150 3.25 -14.74 20.87
CA LEU A 150 3.06 -15.61 19.72
C LEU A 150 2.73 -17.02 20.20
N ASP A 151 2.70 -17.93 19.25
CA ASP A 151 2.56 -19.35 19.54
C ASP A 151 1.39 -19.59 20.49
N LEU A 152 0.25 -19.01 20.13
CA LEU A 152 -0.97 -19.24 20.84
C LEU A 152 -1.57 -20.57 20.40
N PRO A 153 -2.51 -21.12 21.16
CA PRO A 153 -3.10 -22.41 20.75
C PRO A 153 -4.11 -22.24 19.63
N TYR A 154 -4.37 -23.35 18.95
CA TYR A 154 -5.33 -23.38 17.86
C TYR A 154 -6.72 -23.70 18.39
N SER A 155 -7.73 -22.93 17.99
CA SER A 155 -9.09 -23.15 18.44
C SER A 155 -9.76 -24.21 17.54
N THR A 156 -9.99 -25.40 18.08
CA THR A 156 -10.58 -26.46 17.28
C THR A 156 -12.10 -26.28 17.14
N TYR A 157 -12.59 -26.43 15.92
CA TYR A 157 -14.03 -26.45 15.64
C TYR A 157 -14.33 -27.53 14.60
N VAL A 158 -15.57 -28.03 14.63
CA VAL A 158 -16.03 -28.98 13.62
C VAL A 158 -16.51 -28.23 12.39
N LYS A 159 -16.13 -28.71 11.20
CA LYS A 159 -16.50 -28.02 9.96
C LYS A 159 -17.96 -28.29 9.61
N ASP A 160 -18.73 -27.24 9.46
CA ASP A 160 -20.13 -27.35 9.02
C ASP A 160 -20.14 -27.57 7.52
N GLU A 161 -20.47 -28.78 7.08
CA GLU A 161 -20.40 -29.10 5.66
C GLU A 161 -21.07 -30.45 5.44
N LEU A 162 -21.39 -30.71 4.18
CA LEU A 162 -21.92 -32.00 3.79
C LEU A 162 -20.85 -33.07 3.89
N ARG A 163 -21.26 -34.27 4.30
CA ARG A 163 -20.41 -35.45 4.31
C ARG A 163 -21.22 -36.60 3.73
N SER A 164 -20.52 -37.65 3.31
CA SER A 164 -21.21 -38.85 2.87
C SER A 164 -21.96 -39.48 4.03
N LEU A 165 -22.97 -40.30 3.70
CA LEU A 165 -23.79 -40.94 4.72
C LEU A 165 -22.95 -41.86 5.61
N ASP A 166 -22.00 -42.57 4.99
CA ASP A 166 -21.06 -43.37 5.76
C ASP A 166 -20.43 -42.55 6.87
N LYS A 167 -19.95 -41.36 6.54
CA LYS A 167 -19.21 -40.53 7.48
C LYS A 167 -20.10 -39.82 8.48
N ILE A 168 -21.42 -39.96 8.39
CA ILE A 168 -22.32 -39.40 9.38
C ILE A 168 -22.45 -40.33 10.59
N ARG A 169 -22.81 -41.60 10.34
CA ARG A 169 -23.01 -42.55 11.44
C ARG A 169 -21.68 -42.84 12.15
N LYS A 170 -20.56 -42.74 11.45
CA LYS A 170 -19.25 -43.00 12.01
C LYS A 170 -18.58 -41.76 12.56
N GLY A 171 -19.35 -40.71 12.86
CA GLY A 171 -18.82 -39.48 13.43
C GLY A 171 -17.61 -38.88 12.76
N LYS A 172 -17.37 -39.21 11.49
CA LYS A 172 -16.17 -38.76 10.77
C LYS A 172 -16.37 -37.38 10.16
N SER A 173 -16.54 -36.39 11.05
CA SER A 173 -16.47 -35.00 10.67
C SER A 173 -15.00 -34.55 10.59
N ARG A 174 -14.78 -33.40 9.95
CA ARG A 174 -13.46 -32.82 9.80
C ARG A 174 -13.28 -31.66 10.76
N LEU A 175 -12.04 -31.43 11.16
CA LEU A 175 -11.72 -30.42 12.17
C LEU A 175 -11.11 -29.18 11.53
N ILE A 176 -11.44 -28.03 12.09
CA ILE A 176 -10.78 -26.78 11.73
C ILE A 176 -9.94 -26.33 12.92
N GLU A 177 -8.64 -26.11 12.68
CA GLU A 177 -7.76 -25.55 13.71
C GLU A 177 -7.65 -24.06 13.40
N ALA A 178 -8.55 -23.28 14.00
CA ALA A 178 -8.55 -21.84 13.78
C ALA A 178 -7.26 -21.22 14.31
N SER A 179 -6.59 -20.42 13.46
CA SER A 179 -5.36 -19.77 13.84
C SER A 179 -5.63 -18.49 14.61
N SER A 180 -4.85 -18.24 15.65
CA SER A 180 -4.91 -16.93 16.29
C SER A 180 -4.43 -15.86 15.34
N LEU A 181 -5.05 -14.69 15.42
CA LEU A 181 -4.64 -13.56 14.59
C LEU A 181 -3.15 -13.26 14.77
N ASN A 182 -2.63 -13.45 16.00
CA ASN A 182 -1.23 -13.16 16.25
C ASN A 182 -0.32 -14.03 15.41
N ASP A 183 -0.60 -15.34 15.34
CA ASP A 183 0.22 -16.26 14.55
C ASP A 183 0.05 -16.04 13.05
N SER A 184 -1.18 -15.79 12.59
CA SER A 184 -1.38 -15.43 11.18
C SER A 184 -0.48 -14.27 10.81
N VAL A 185 -0.45 -13.25 11.66
CA VAL A 185 0.30 -12.04 11.31
C VAL A 185 1.78 -12.34 11.28
N TYR A 186 2.26 -13.12 12.26
CA TYR A 186 3.69 -13.37 12.31
C TYR A 186 4.13 -14.35 11.25
N LEU A 187 3.34 -15.38 10.93
CA LEU A 187 3.72 -16.22 9.79
C LEU A 187 3.57 -15.48 8.47
N ARG A 188 2.63 -14.52 8.34
CA ARG A 188 2.59 -13.77 7.10
C ARG A 188 3.79 -12.84 6.98
N MET A 189 4.19 -12.19 8.08
CA MET A 189 5.34 -11.29 8.01
C MET A 189 6.61 -12.01 7.53
N THR A 190 6.83 -13.23 8.03
CA THR A 190 8.10 -13.88 7.71
C THR A 190 8.02 -14.66 6.39
N PHE A 191 6.86 -15.15 6.01
CA PHE A 191 6.73 -15.90 4.76
C PHE A 191 5.85 -15.23 3.71
N GLY A 192 5.47 -13.96 3.89
CA GLY A 192 4.54 -13.33 2.95
C GLY A 192 5.00 -13.41 1.51
N HIS A 193 6.28 -13.13 1.27
CA HIS A 193 6.81 -13.10 -0.09
C HIS A 193 6.89 -14.49 -0.70
N LEU A 194 7.15 -15.54 0.11
CA LEU A 194 7.02 -16.90 -0.41
C LEU A 194 5.60 -17.18 -0.89
N TYR A 195 4.61 -16.83 -0.05
CA TYR A 195 3.21 -16.96 -0.45
C TYR A 195 2.94 -16.23 -1.77
N GLU A 196 3.40 -14.97 -1.87
CA GLU A 196 3.26 -14.19 -3.09
C GLU A 196 3.82 -14.94 -4.30
N THR A 197 5.01 -15.52 -4.17
CA THR A 197 5.61 -16.26 -5.26
C THR A 197 4.76 -17.46 -5.63
N PHE A 198 4.40 -18.28 -4.64
CA PHE A 198 3.62 -19.46 -4.96
C PHE A 198 2.27 -19.10 -5.60
N HIS A 199 1.65 -18.00 -5.16
CA HIS A 199 0.37 -17.65 -5.73
C HIS A 199 0.52 -17.20 -7.17
N ALA A 200 1.57 -16.43 -7.47
CA ALA A 200 1.81 -16.00 -8.84
C ALA A 200 2.39 -17.09 -9.73
N ASN A 201 2.66 -18.29 -9.22
CA ASN A 201 3.34 -19.23 -10.11
C ASN A 201 2.86 -20.66 -10.04
N PRO A 202 1.57 -20.95 -10.19
CA PRO A 202 1.16 -22.35 -10.26
C PRO A 202 1.86 -23.02 -11.43
N GLY A 203 2.36 -24.23 -11.21
CA GLY A 203 3.09 -24.92 -12.24
C GLY A 203 4.01 -25.95 -11.61
N THR A 204 5.04 -26.32 -12.37
CA THR A 204 5.94 -27.42 -12.04
C THR A 204 7.32 -26.93 -11.59
N VAL A 205 7.51 -25.61 -11.49
CA VAL A 205 8.65 -25.08 -10.77
C VAL A 205 8.36 -25.02 -9.28
N THR A 206 7.29 -24.32 -8.91
CA THR A 206 6.84 -24.40 -7.52
C THR A 206 6.42 -25.82 -7.18
N GLY A 207 6.08 -26.61 -8.19
CA GLY A 207 5.38 -27.85 -7.99
C GLY A 207 4.04 -27.69 -7.31
N SER A 208 3.41 -26.52 -7.44
CA SER A 208 2.16 -26.24 -6.75
C SER A 208 1.08 -25.74 -7.70
N ALA A 209 -0.13 -26.26 -7.53
CA ALA A 209 -1.28 -25.84 -8.33
C ALA A 209 -2.08 -24.71 -7.69
N VAL A 210 -1.65 -24.19 -6.53
CA VAL A 210 -2.34 -23.07 -5.90
C VAL A 210 -2.35 -21.88 -6.85
N GLY A 211 -3.55 -21.34 -7.11
CA GLY A 211 -3.69 -20.27 -8.07
C GLY A 211 -4.01 -20.72 -9.49
N CYS A 212 -4.15 -22.01 -9.74
CA CYS A 212 -4.58 -22.40 -11.06
C CYS A 212 -6.08 -22.22 -11.22
N ASN A 213 -6.52 -22.19 -12.47
CA ASN A 213 -7.94 -22.15 -12.83
C ASN A 213 -8.20 -23.34 -13.73
N PRO A 214 -8.76 -24.43 -13.18
CA PRO A 214 -8.91 -25.68 -13.96
C PRO A 214 -9.45 -25.48 -15.39
N ASP A 215 -10.35 -24.51 -15.59
CA ASP A 215 -10.90 -24.29 -16.93
C ASP A 215 -9.81 -24.16 -18.00
N VAL A 216 -8.67 -23.54 -17.67
CA VAL A 216 -7.60 -23.36 -18.65
C VAL A 216 -6.35 -24.15 -18.24
N PHE A 217 -6.19 -24.43 -16.94
CA PHE A 217 -5.00 -25.16 -16.48
C PHE A 217 -4.98 -26.58 -17.00
N TRP A 218 -6.16 -27.21 -17.08
CA TRP A 218 -6.24 -28.59 -17.53
C TRP A 218 -5.61 -28.78 -18.90
N SER A 219 -5.73 -27.79 -19.78
CA SER A 219 -5.11 -27.91 -21.09
C SER A 219 -3.61 -27.72 -21.02
N LYS A 220 -3.13 -26.99 -20.01
CA LYS A 220 -1.70 -26.82 -19.80
C LYS A 220 -1.03 -28.07 -19.21
N LEU A 221 -1.73 -28.93 -18.46
CA LEU A 221 -1.05 -29.99 -17.72
C LEU A 221 -0.34 -31.00 -18.61
N PRO A 222 -0.95 -31.55 -19.68
CA PRO A 222 -0.21 -32.53 -20.52
C PRO A 222 1.10 -31.99 -21.07
N ILE A 223 1.22 -30.67 -21.22
CA ILE A 223 2.49 -30.07 -21.59
C ILE A 223 3.42 -30.00 -20.39
N LEU A 224 2.86 -29.71 -19.21
CA LEU A 224 3.66 -29.55 -18.00
C LEU A 224 4.17 -30.88 -17.47
N LEU A 225 3.39 -31.94 -17.66
CA LEU A 225 3.74 -33.28 -17.20
C LEU A 225 3.86 -34.19 -18.43
N PRO A 226 5.01 -34.16 -19.11
CA PRO A 226 5.21 -35.07 -20.24
C PRO A 226 5.65 -36.45 -19.77
N GLY A 227 5.48 -37.43 -20.67
CA GLY A 227 5.86 -38.78 -20.33
C GLY A 227 4.75 -39.54 -19.64
N SER A 228 5.10 -40.41 -18.70
CA SER A 228 4.15 -41.33 -18.10
C SER A 228 3.61 -40.75 -16.79
N LEU A 229 2.34 -41.05 -16.49
CA LEU A 229 1.62 -40.40 -15.40
C LEU A 229 1.47 -41.31 -14.20
N PHE A 230 1.68 -40.74 -13.01
CA PHE A 230 1.28 -41.41 -11.79
C PHE A 230 0.56 -40.41 -10.89
N ALA A 231 -0.14 -40.95 -9.89
CA ALA A 231 -0.90 -40.12 -8.94
C ALA A 231 -1.41 -40.97 -7.79
N PHE A 232 -1.76 -40.31 -6.70
CA PHE A 232 -2.49 -40.92 -5.59
C PHE A 232 -3.04 -39.81 -4.70
N ASP A 233 -3.95 -40.21 -3.83
CA ASP A 233 -4.41 -39.42 -2.70
C ASP A 233 -3.91 -40.07 -1.42
N TYR A 234 -4.09 -39.38 -0.31
CA TYR A 234 -3.65 -39.89 0.99
C TYR A 234 -4.84 -40.01 1.93
N SER A 235 -4.74 -40.99 2.83
CA SER A 235 -5.69 -41.06 3.94
C SER A 235 -5.19 -40.11 5.02
N GLY A 236 -5.98 -39.06 5.30
CA GLY A 236 -5.69 -38.11 6.36
C GLY A 236 -4.31 -37.48 6.34
N TYR A 237 -3.98 -36.84 5.23
CA TYR A 237 -2.64 -36.30 4.98
C TYR A 237 -2.11 -35.51 6.18
N ASP A 238 -2.77 -34.39 6.49
CA ASP A 238 -2.23 -33.47 7.48
C ASP A 238 -2.02 -34.14 8.82
N ALA A 239 -2.87 -35.08 9.21
CA ALA A 239 -2.69 -35.71 10.51
C ALA A 239 -1.67 -36.85 10.46
N SER A 240 -1.36 -37.39 9.28
CA SER A 240 -0.38 -38.46 9.16
C SER A 240 1.06 -37.96 9.04
N LEU A 241 1.28 -36.67 8.85
CA LEU A 241 2.64 -36.17 8.62
C LEU A 241 3.48 -36.33 9.90
N SER A 242 4.54 -37.12 9.83
CA SER A 242 5.48 -37.23 10.92
C SER A 242 6.48 -36.08 10.88
N PRO A 243 7.09 -35.75 12.03
CA PRO A 243 8.00 -34.59 12.09
C PRO A 243 9.11 -34.58 11.07
N VAL A 244 9.56 -35.72 10.55
CA VAL A 244 10.62 -35.72 9.55
C VAL A 244 10.25 -34.82 8.36
N TRP A 245 8.96 -34.82 7.94
CA TRP A 245 8.56 -33.95 6.83
C TRP A 245 8.64 -32.46 7.19
N PHE A 246 8.38 -32.10 8.45
CA PHE A 246 8.59 -30.72 8.89
C PHE A 246 10.07 -30.36 8.98
N ARG A 247 10.94 -31.35 9.25
CA ARG A 247 12.37 -31.07 9.26
C ARG A 247 12.90 -31.00 7.85
N ALA A 248 12.28 -31.74 6.94
CA ALA A 248 12.62 -31.55 5.55
C ALA A 248 12.16 -30.19 5.06
N LEU A 249 10.91 -29.81 5.38
CA LEU A 249 10.48 -28.47 5.01
C LEU A 249 11.45 -27.41 5.51
N GLU A 250 12.06 -27.63 6.67
CA GLU A 250 12.99 -26.62 7.15
C GLU A 250 14.29 -26.62 6.36
N VAL A 251 14.74 -27.77 5.90
CA VAL A 251 15.91 -27.79 5.01
C VAL A 251 15.65 -26.95 3.77
N VAL A 252 14.47 -27.12 3.17
CA VAL A 252 14.13 -26.41 1.94
C VAL A 252 14.17 -24.90 2.19
N LEU A 253 13.48 -24.45 3.24
CA LEU A 253 13.43 -23.02 3.53
C LEU A 253 14.82 -22.47 3.83
N ARG A 254 15.66 -23.25 4.50
CA ARG A 254 17.03 -22.84 4.73
C ARG A 254 17.75 -22.64 3.40
N GLU A 255 17.66 -23.62 2.51
CA GLU A 255 18.44 -23.54 1.29
C GLU A 255 18.07 -22.36 0.44
N ILE A 256 16.85 -21.87 0.52
CA ILE A 256 16.50 -20.77 -0.36
C ILE A 256 16.83 -19.47 0.37
N GLY A 257 17.47 -19.62 1.54
CA GLY A 257 18.12 -18.51 2.20
C GLY A 257 17.42 -17.92 3.40
N TYR A 258 16.43 -18.59 3.97
CA TYR A 258 15.78 -18.04 5.15
C TYR A 258 16.71 -18.14 6.36
N PRO A 259 16.76 -17.12 7.21
CA PRO A 259 17.53 -17.23 8.46
C PRO A 259 16.87 -18.20 9.41
N GLU A 260 17.64 -18.64 10.41
CA GLU A 260 17.13 -19.61 11.37
C GLU A 260 15.94 -19.05 12.14
N GLU A 261 15.96 -17.76 12.47
CA GLU A 261 14.79 -17.15 13.12
C GLU A 261 13.50 -17.44 12.36
N ALA A 262 13.55 -17.44 11.01
CA ALA A 262 12.39 -17.77 10.21
C ALA A 262 12.16 -19.28 10.15
N VAL A 263 13.22 -20.05 9.91
CA VAL A 263 13.09 -21.48 9.69
C VAL A 263 12.52 -22.19 10.91
N SER A 264 12.81 -21.70 12.11
CA SER A 264 12.38 -22.40 13.30
C SER A 264 10.92 -22.18 13.62
N LEU A 265 10.23 -21.26 12.93
CA LEU A 265 8.78 -21.19 13.09
C LEU A 265 8.12 -22.50 12.72
N ILE A 266 8.69 -23.22 11.74
CA ILE A 266 8.13 -24.49 11.29
C ILE A 266 8.00 -25.48 12.44
N GLU A 267 8.88 -25.40 13.45
CA GLU A 267 8.73 -26.27 14.62
C GLU A 267 7.49 -25.89 15.41
N GLY A 268 7.20 -24.60 15.46
CA GLY A 268 5.97 -24.09 16.07
C GLY A 268 4.68 -24.52 15.40
N ILE A 269 4.72 -25.13 14.22
CA ILE A 269 3.53 -25.79 13.67
C ILE A 269 3.67 -27.31 13.67
N ASN A 270 4.88 -27.86 13.67
CA ASN A 270 5.06 -29.29 13.89
C ASN A 270 4.76 -29.66 15.33
N HIS A 271 4.79 -28.71 16.24
CA HIS A 271 4.49 -28.95 17.65
C HIS A 271 3.47 -27.88 18.03
N THR A 272 2.25 -28.30 18.37
CA THR A 272 1.17 -27.35 18.50
C THR A 272 0.34 -27.67 19.73
N HIS A 273 -0.31 -26.63 20.25
CA HIS A 273 -1.33 -26.76 21.28
C HIS A 273 -2.67 -26.34 20.69
N HIS A 274 -3.72 -27.09 21.01
CA HIS A 274 -5.06 -26.83 20.51
C HIS A 274 -6.01 -26.78 21.70
N VAL A 275 -7.09 -26.00 21.56
CA VAL A 275 -8.14 -25.91 22.58
C VAL A 275 -9.44 -26.31 21.92
N TYR A 276 -9.93 -27.51 22.24
CA TYR A 276 -11.22 -27.99 21.78
C TYR A 276 -12.20 -27.89 22.94
N ARG A 277 -13.11 -26.93 22.85
CA ARG A 277 -14.14 -26.72 23.86
C ARG A 277 -13.51 -26.38 25.20
N ASN A 278 -13.51 -27.33 26.14
CA ASN A 278 -13.11 -27.04 27.51
C ASN A 278 -11.79 -27.71 27.90
N ARG A 279 -11.12 -28.37 26.96
CA ARG A 279 -9.92 -29.13 27.23
C ARG A 279 -8.83 -28.69 26.27
N THR A 280 -7.59 -28.71 26.73
CA THR A 280 -6.43 -28.42 25.90
C THR A 280 -5.78 -29.73 25.50
N TYR A 281 -5.20 -29.77 24.30
CA TYR A 281 -4.36 -30.89 23.90
C TYR A 281 -3.20 -30.37 23.07
N CYS A 282 -2.25 -31.26 22.81
CA CYS A 282 -0.96 -30.94 22.25
C CYS A 282 -0.59 -32.03 21.27
N VAL A 283 -0.26 -31.63 20.04
CA VAL A 283 0.01 -32.58 18.96
C VAL A 283 1.46 -32.42 18.52
N LEU A 284 2.13 -33.55 18.33
CA LEU A 284 3.45 -33.58 17.70
C LEU A 284 3.30 -34.21 16.34
N GLY A 285 3.86 -33.56 15.33
CA GLY A 285 3.60 -33.91 13.95
C GLY A 285 2.26 -33.36 13.52
N GLY A 286 2.02 -33.43 12.23
CA GLY A 286 0.72 -33.04 11.72
C GLY A 286 0.55 -31.55 11.43
N MET A 287 0.02 -31.24 10.27
CA MET A 287 -0.23 -29.85 9.90
C MET A 287 -1.51 -29.39 10.57
N PRO A 288 -1.48 -28.27 11.29
CA PRO A 288 -2.73 -27.64 11.73
C PRO A 288 -3.41 -26.90 10.58
N SER A 289 -4.56 -27.38 10.12
CA SER A 289 -5.08 -27.00 8.81
C SER A 289 -5.35 -25.49 8.71
N GLY A 290 -6.12 -24.92 9.63
CA GLY A 290 -6.29 -23.49 9.62
C GLY A 290 -5.08 -22.57 9.76
N CYS A 291 -3.85 -23.07 9.77
CA CYS A 291 -2.71 -22.19 10.01
C CYS A 291 -2.28 -21.46 8.74
N SER A 292 -1.57 -20.35 8.91
CA SER A 292 -1.11 -19.57 7.77
C SER A 292 -0.16 -20.42 6.94
N GLY A 293 -0.32 -20.34 5.62
CA GLY A 293 0.51 -21.05 4.68
C GLY A 293 0.22 -22.53 4.56
N THR A 294 -0.93 -22.97 5.08
CA THR A 294 -1.14 -24.41 5.22
C THR A 294 -1.21 -25.12 3.88
N SER A 295 -1.90 -24.50 2.91
CA SER A 295 -1.99 -25.09 1.57
C SER A 295 -0.65 -25.04 0.87
N ILE A 296 0.10 -23.96 1.08
CA ILE A 296 1.42 -23.85 0.45
C ILE A 296 2.39 -24.83 1.07
N PHE A 297 2.46 -24.87 2.41
CA PHE A 297 3.38 -25.77 3.10
C PHE A 297 3.03 -27.23 2.83
N ASN A 298 1.74 -27.57 2.86
CA ASN A 298 1.37 -28.96 2.55
C ASN A 298 1.82 -29.36 1.15
N SER A 299 1.72 -28.43 0.18
CA SER A 299 2.17 -28.74 -1.18
C SER A 299 3.70 -28.85 -1.24
N MET A 300 4.42 -27.93 -0.59
CA MET A 300 5.87 -28.05 -0.53
C MET A 300 6.27 -29.41 0.06
N ILE A 301 5.73 -29.74 1.25
CA ILE A 301 6.03 -31.04 1.85
C ILE A 301 5.74 -32.16 0.87
N ASN A 302 4.60 -32.08 0.17
CA ASN A 302 4.25 -33.12 -0.80
C ASN A 302 5.31 -33.28 -1.87
N ASN A 303 5.89 -32.17 -2.32
CA ASN A 303 6.99 -32.25 -3.27
C ASN A 303 8.18 -32.98 -2.67
N ILE A 304 8.44 -32.77 -1.37
CA ILE A 304 9.53 -33.49 -0.71
C ILE A 304 9.22 -34.98 -0.64
N ILE A 305 7.97 -35.30 -0.24
CA ILE A 305 7.54 -36.69 -0.08
C ILE A 305 7.72 -37.48 -1.37
N ILE A 306 7.15 -36.99 -2.49
CA ILE A 306 7.23 -37.72 -3.74
C ILE A 306 8.68 -38.02 -4.11
N ARG A 307 9.51 -36.99 -4.11
CA ARG A 307 10.92 -37.18 -4.43
C ARG A 307 11.57 -38.19 -3.49
N THR A 308 11.30 -38.06 -2.18
CA THR A 308 11.87 -39.00 -1.21
C THR A 308 11.48 -40.43 -1.54
N LEU A 309 10.19 -40.67 -1.79
CA LEU A 309 9.73 -42.00 -2.14
C LEU A 309 10.25 -42.46 -3.50
N LEU A 310 10.53 -41.55 -4.44
CA LEU A 310 11.08 -42.01 -5.71
C LEU A 310 12.46 -42.63 -5.54
N ILE A 311 13.39 -41.89 -4.91
CA ILE A 311 14.79 -42.33 -4.86
C ILE A 311 15.04 -43.44 -3.83
N LYS A 312 14.19 -43.60 -2.82
CA LYS A 312 14.29 -44.69 -1.87
C LYS A 312 13.75 -46.01 -2.42
N THR A 313 12.80 -45.95 -3.37
CA THR A 313 12.14 -47.15 -3.90
C THR A 313 12.86 -47.76 -5.11
N PHE A 314 13.33 -46.94 -6.05
CA PHE A 314 13.97 -47.48 -7.25
C PHE A 314 15.38 -46.95 -7.39
N LYS A 315 16.23 -47.76 -8.03
CA LYS A 315 17.59 -47.36 -8.37
C LYS A 315 17.60 -46.47 -9.60
N GLY A 316 18.57 -45.56 -9.63
CA GLY A 316 18.85 -44.78 -10.83
C GLY A 316 17.78 -43.80 -11.27
N ILE A 317 17.03 -43.23 -10.34
CA ILE A 317 16.06 -42.19 -10.65
C ILE A 317 16.78 -40.88 -10.92
N ASP A 318 16.34 -40.13 -11.92
CA ASP A 318 16.79 -38.76 -12.09
C ASP A 318 15.66 -37.83 -11.69
N LEU A 319 15.79 -37.22 -10.50
CA LEU A 319 14.74 -36.32 -10.01
C LEU A 319 14.48 -35.17 -10.98
N ASP A 320 15.51 -34.76 -11.75
CA ASP A 320 15.34 -33.68 -12.73
C ASP A 320 14.42 -34.08 -13.87
N GLU A 321 14.15 -35.36 -14.05
CA GLU A 321 13.20 -35.89 -15.03
C GLU A 321 11.78 -35.99 -14.48
N LEU A 322 11.58 -35.64 -13.22
CA LEU A 322 10.26 -35.61 -12.60
C LEU A 322 9.59 -34.25 -12.80
N HIS A 323 8.32 -34.30 -13.20
CA HIS A 323 7.43 -33.14 -13.19
C HIS A 323 6.30 -33.45 -12.23
N MET A 324 5.92 -32.46 -11.41
CA MET A 324 4.73 -32.68 -10.60
C MET A 324 4.08 -31.35 -10.23
N VAL A 325 2.79 -31.43 -9.92
CA VAL A 325 2.10 -30.37 -9.21
C VAL A 325 1.33 -31.01 -8.08
N ALA A 326 1.27 -30.31 -6.95
CA ALA A 326 0.49 -30.74 -5.81
C ALA A 326 -0.45 -29.59 -5.43
N TYR A 327 -1.57 -29.95 -4.81
CA TYR A 327 -2.45 -28.99 -4.14
C TYR A 327 -2.80 -29.65 -2.81
N GLY A 328 -2.05 -29.32 -1.75
CA GLY A 328 -2.20 -30.13 -0.56
C GLY A 328 -1.82 -31.58 -0.85
N ASP A 329 -2.66 -32.52 -0.39
CA ASP A 329 -2.41 -33.94 -0.61
C ASP A 329 -2.57 -34.37 -2.08
N ASP A 330 -3.28 -33.58 -2.90
CA ASP A 330 -3.55 -33.95 -4.29
C ASP A 330 -2.28 -33.89 -5.13
N VAL A 331 -1.97 -34.98 -5.83
CA VAL A 331 -0.75 -35.05 -6.63
C VAL A 331 -1.07 -35.54 -8.04
N LEU A 332 -0.50 -34.85 -9.02
CA LEU A 332 -0.38 -35.32 -10.39
C LEU A 332 1.07 -35.18 -10.80
N ALA A 333 1.62 -36.22 -11.42
CA ALA A 333 3.05 -36.19 -11.70
C ALA A 333 3.33 -36.99 -12.97
N SER A 334 4.54 -36.77 -13.51
CA SER A 334 4.97 -37.47 -14.72
C SER A 334 6.45 -37.83 -14.63
N TYR A 335 6.81 -38.89 -15.34
CA TYR A 335 8.18 -39.39 -15.42
C TYR A 335 8.33 -40.07 -16.78
N PRO A 336 9.52 -39.99 -17.42
CA PRO A 336 9.68 -40.60 -18.74
C PRO A 336 9.32 -42.08 -18.79
N PHE A 337 9.32 -42.75 -17.63
CA PHE A 337 9.06 -44.17 -17.52
C PHE A 337 7.94 -44.45 -16.53
N PRO A 338 7.15 -45.49 -16.75
CA PRO A 338 6.06 -45.80 -15.83
C PRO A 338 6.58 -46.10 -14.43
N ILE A 339 5.83 -45.61 -13.44
CA ILE A 339 6.21 -45.72 -12.04
C ILE A 339 5.25 -46.67 -11.35
N ASP A 340 5.81 -47.65 -10.64
CA ASP A 340 5.00 -48.60 -9.88
C ASP A 340 4.47 -47.89 -8.63
N CYS A 341 3.18 -47.58 -8.61
CA CYS A 341 2.66 -46.84 -7.47
C CYS A 341 2.40 -47.73 -6.27
N LEU A 342 2.04 -48.99 -6.51
CA LEU A 342 1.91 -49.92 -5.40
C LEU A 342 3.19 -49.98 -4.59
N GLU A 343 4.34 -49.97 -5.27
CA GLU A 343 5.61 -50.00 -4.56
C GLU A 343 5.85 -48.69 -3.81
N LEU A 344 5.60 -47.55 -4.47
CA LEU A 344 5.72 -46.25 -3.81
C LEU A 344 4.89 -46.21 -2.54
N ALA A 345 3.58 -46.46 -2.68
CA ALA A 345 2.69 -46.46 -1.53
C ALA A 345 3.26 -47.29 -0.38
N LYS A 346 3.88 -48.44 -0.71
CA LYS A 346 4.47 -49.28 0.32
C LYS A 346 5.57 -48.52 1.07
N THR A 347 6.54 -47.97 0.32
CA THR A 347 7.57 -47.11 0.90
C THR A 347 6.94 -45.98 1.72
N GLY A 348 5.86 -45.38 1.21
CA GLY A 348 5.18 -44.34 1.96
C GLY A 348 4.72 -44.78 3.33
N LYS A 349 4.37 -46.06 3.48
CA LYS A 349 3.98 -46.57 4.79
C LYS A 349 5.15 -46.56 5.78
N GLU A 350 6.37 -46.87 5.29
CA GLU A 350 7.56 -46.77 6.14
C GLU A 350 7.75 -45.37 6.70
N TYR A 351 7.04 -44.36 6.17
CA TYR A 351 7.13 -43.00 6.66
C TYR A 351 5.80 -42.53 7.24
N GLY A 352 4.93 -43.45 7.65
CA GLY A 352 3.63 -43.07 8.17
C GLY A 352 2.58 -42.64 7.14
N LEU A 353 2.90 -42.63 5.84
CA LEU A 353 1.95 -42.21 4.83
C LEU A 353 1.08 -43.38 4.39
N THR A 354 -0.23 -43.19 4.48
CA THR A 354 -1.21 -44.13 3.92
C THR A 354 -1.68 -43.54 2.59
N MET A 355 -1.18 -44.10 1.49
CA MET A 355 -1.41 -43.58 0.16
C MET A 355 -2.37 -44.48 -0.61
N THR A 356 -3.22 -43.87 -1.43
CA THR A 356 -4.36 -44.53 -2.06
C THR A 356 -4.58 -43.98 -3.47
N PRO A 357 -5.10 -44.83 -4.40
CA PRO A 357 -5.17 -44.61 -5.85
C PRO A 357 -5.66 -43.24 -6.32
N CYS A 363 -6.87 -51.10 -6.70
CA CYS A 363 -5.57 -51.53 -7.20
C CYS A 363 -4.75 -50.36 -7.75
N PHE A 364 -3.56 -50.66 -8.24
CA PHE A 364 -2.65 -49.63 -8.75
C PHE A 364 -2.77 -49.54 -10.27
N ASN A 365 -3.89 -48.96 -10.70
CA ASN A 365 -4.15 -48.82 -12.12
C ASN A 365 -3.14 -47.89 -12.75
N GLU A 366 -2.76 -48.19 -13.98
CA GLU A 366 -1.96 -47.27 -14.78
C GLU A 366 -2.73 -45.95 -14.93
N VAL A 367 -2.11 -44.85 -14.54
CA VAL A 367 -2.80 -43.56 -14.60
C VAL A 367 -2.70 -43.00 -16.01
N THR A 368 -3.84 -42.64 -16.58
CA THR A 368 -3.94 -42.05 -17.91
C THR A 368 -4.74 -40.75 -17.78
N TRP A 369 -4.59 -39.86 -18.77
CA TRP A 369 -5.45 -38.69 -18.80
C TRP A 369 -6.92 -39.08 -18.90
N GLU A 370 -7.21 -40.28 -19.37
CA GLU A 370 -8.60 -40.71 -19.45
C GLU A 370 -9.16 -41.03 -18.06
N ASN A 371 -8.32 -41.48 -17.12
CA ASN A 371 -8.83 -41.81 -15.80
C ASN A 371 -8.27 -40.97 -14.66
N ALA A 372 -7.30 -40.09 -14.91
CA ALA A 372 -6.74 -39.31 -13.82
C ALA A 372 -7.76 -38.33 -13.26
N THR A 373 -7.58 -37.96 -12.00
CA THR A 373 -8.32 -36.86 -11.38
C THR A 373 -7.37 -35.96 -10.61
N PHE A 374 -7.74 -34.68 -10.56
CA PHE A 374 -7.01 -33.66 -9.82
C PHE A 374 -8.04 -32.61 -9.43
N LEU A 375 -8.02 -32.20 -8.15
CA LEU A 375 -9.00 -31.25 -7.65
C LEU A 375 -10.43 -31.80 -7.85
N LYS A 376 -10.55 -33.12 -7.67
CA LYS A 376 -11.83 -33.85 -7.83
C LYS A 376 -12.43 -33.70 -9.23
N ARG A 377 -11.62 -33.41 -10.22
CA ARG A 377 -12.08 -33.30 -11.59
C ARG A 377 -11.37 -34.33 -12.46
N GLY A 378 -12.09 -34.91 -13.41
CA GLY A 378 -11.49 -35.70 -14.46
C GLY A 378 -10.95 -34.85 -15.59
N PHE A 379 -10.41 -35.55 -16.59
CA PHE A 379 -9.84 -34.96 -17.79
C PHE A 379 -10.55 -35.57 -18.99
N LEU A 380 -11.03 -34.72 -19.89
CA LEU A 380 -11.80 -35.17 -21.05
C LEU A 380 -11.50 -34.28 -22.24
N PRO A 381 -10.64 -34.74 -23.15
CA PRO A 381 -10.36 -33.94 -24.34
C PRO A 381 -11.66 -33.62 -25.06
N ASP A 382 -11.74 -32.39 -25.57
CA ASP A 382 -12.90 -31.96 -26.35
C ASP A 382 -12.91 -32.64 -27.71
N HIS A 383 -14.13 -32.94 -28.19
CA HIS A 383 -14.30 -33.67 -29.45
C HIS A 383 -13.83 -32.85 -30.65
N GLN A 384 -14.33 -31.62 -30.81
CA GLN A 384 -13.85 -30.78 -31.90
C GLN A 384 -12.34 -30.58 -31.79
N PHE A 385 -11.89 -29.94 -30.71
CA PHE A 385 -10.48 -29.65 -30.51
C PHE A 385 -9.93 -30.54 -29.40
N PRO A 386 -9.24 -31.63 -29.74
CA PRO A 386 -8.74 -32.53 -28.70
C PRO A 386 -7.48 -32.06 -27.97
N PHE A 387 -6.80 -31.01 -28.44
CA PHE A 387 -5.72 -30.39 -27.66
C PHE A 387 -6.22 -29.42 -26.56
N LEU A 388 -7.55 -29.33 -26.36
CA LEU A 388 -8.17 -28.55 -25.28
C LEU A 388 -8.93 -29.48 -24.36
N ILE A 389 -8.62 -29.44 -23.06
CA ILE A 389 -9.07 -30.45 -22.11
C ILE A 389 -10.02 -29.82 -21.09
N HIS A 390 -11.23 -30.43 -20.93
CA HIS A 390 -12.28 -30.06 -19.98
C HIS A 390 -11.97 -30.65 -18.61
N PRO A 391 -12.06 -29.85 -17.55
CA PRO A 391 -12.18 -30.43 -16.21
C PRO A 391 -13.59 -30.95 -16.05
N THR A 392 -13.74 -32.23 -15.72
CA THR A 392 -15.04 -32.84 -15.54
C THR A 392 -15.28 -33.13 -14.07
N MET A 393 -16.40 -32.60 -13.54
CA MET A 393 -16.90 -32.90 -12.21
C MET A 393 -18.10 -33.80 -12.30
N PRO A 394 -18.14 -34.94 -11.61
CA PRO A 394 -19.27 -35.86 -11.76
C PRO A 394 -20.60 -35.16 -11.50
N MET A 395 -21.68 -35.69 -12.12
CA MET A 395 -22.99 -35.10 -11.89
C MET A 395 -23.52 -35.42 -10.50
N ARG A 396 -23.12 -36.56 -9.92
CA ARG A 396 -23.57 -36.87 -8.56
C ARG A 396 -23.19 -35.78 -7.58
N GLU A 397 -21.96 -35.29 -7.67
CA GLU A 397 -21.48 -34.27 -6.74
C GLU A 397 -22.24 -32.95 -6.93
N ILE A 398 -22.55 -32.60 -8.17
CA ILE A 398 -23.34 -31.41 -8.43
C ILE A 398 -24.77 -31.60 -7.93
N HIS A 399 -25.32 -32.79 -8.14
CA HIS A 399 -26.64 -33.12 -7.58
C HIS A 399 -26.64 -32.95 -6.07
N GLU A 400 -25.63 -33.52 -5.40
CA GLU A 400 -25.56 -33.41 -3.94
C GLU A 400 -25.52 -31.97 -3.50
N SER A 401 -24.77 -31.13 -4.22
CA SER A 401 -24.60 -29.74 -3.84
C SER A 401 -25.90 -28.96 -3.92
N ILE A 402 -26.71 -29.19 -4.96
CA ILE A 402 -27.85 -28.32 -5.24
C ILE A 402 -29.02 -28.57 -4.31
N ARG A 403 -28.97 -29.62 -3.49
CA ARG A 403 -30.07 -29.96 -2.59
C ARG A 403 -30.01 -29.21 -1.27
N TRP A 404 -29.05 -28.28 -1.09
CA TRP A 404 -28.84 -27.65 0.21
C TRP A 404 -28.58 -26.17 0.02
N THR A 405 -28.84 -25.40 1.06
CA THR A 405 -28.68 -23.96 0.98
C THR A 405 -28.31 -23.40 2.35
N LYS A 406 -27.46 -22.37 2.35
CA LYS A 406 -27.27 -21.60 3.57
C LYS A 406 -28.19 -20.39 3.62
N ASP A 407 -28.85 -20.07 2.51
CA ASP A 407 -29.73 -18.92 2.39
C ASP A 407 -30.39 -18.96 1.01
N ALA A 408 -31.72 -19.05 0.98
CA ALA A 408 -32.41 -19.10 -0.31
C ALA A 408 -32.05 -17.90 -1.19
N ARG A 409 -31.55 -16.81 -0.59
CA ARG A 409 -31.19 -15.63 -1.37
C ARG A 409 -30.05 -15.92 -2.34
N ASN A 410 -29.34 -17.05 -2.16
CA ASN A 410 -28.19 -17.38 -2.98
C ASN A 410 -28.49 -18.35 -4.12
N THR A 411 -29.76 -18.74 -4.31
CA THR A 411 -30.09 -19.79 -5.28
C THR A 411 -29.45 -19.51 -6.65
N GLN A 412 -29.69 -18.32 -7.20
CA GLN A 412 -29.15 -17.98 -8.53
C GLN A 412 -27.64 -18.17 -8.58
N ASP A 413 -26.89 -17.51 -7.69
CA ASP A 413 -25.44 -17.71 -7.63
C ASP A 413 -25.07 -19.19 -7.48
N HIS A 414 -25.67 -19.87 -6.49
CA HIS A 414 -25.42 -21.29 -6.29
C HIS A 414 -25.67 -22.06 -7.59
N VAL A 415 -26.89 -21.98 -8.12
CA VAL A 415 -27.20 -22.74 -9.33
C VAL A 415 -26.34 -22.28 -10.51
N ARG A 416 -26.06 -20.99 -10.62
CA ARG A 416 -25.20 -20.57 -11.71
C ARG A 416 -23.84 -21.25 -11.61
N SER A 417 -23.23 -21.21 -10.40
CA SER A 417 -21.90 -21.80 -10.20
C SER A 417 -21.88 -23.29 -10.56
N LEU A 418 -22.95 -24.01 -10.24
CA LEU A 418 -22.99 -25.43 -10.58
C LEU A 418 -23.14 -25.65 -12.07
N CYS A 419 -23.84 -24.74 -12.75
CA CYS A 419 -23.97 -24.83 -14.20
C CYS A 419 -22.62 -24.72 -14.89
N LEU A 420 -21.76 -23.80 -14.41
CA LEU A 420 -20.44 -23.63 -15.00
C LEU A 420 -19.52 -24.82 -14.78
N LEU A 421 -19.81 -25.66 -13.77
CA LEU A 421 -19.07 -26.89 -13.50
C LEU A 421 -19.60 -28.06 -14.31
N ALA A 422 -20.93 -28.14 -14.46
CA ALA A 422 -21.58 -29.32 -15.01
C ALA A 422 -21.45 -29.43 -16.52
N TRP A 423 -21.57 -28.31 -17.24
CA TRP A 423 -21.64 -28.35 -18.70
C TRP A 423 -20.47 -29.14 -19.33
N HIS A 424 -19.29 -29.09 -18.71
CA HIS A 424 -18.14 -29.84 -19.21
C HIS A 424 -18.43 -31.33 -19.39
N ASN A 425 -19.43 -31.86 -18.67
CA ASN A 425 -19.87 -33.22 -18.91
C ASN A 425 -20.67 -33.40 -20.22
N GLY A 426 -20.89 -32.35 -21.01
CA GLY A 426 -21.49 -32.55 -22.32
C GLY A 426 -22.92 -32.03 -22.38
N LYS A 427 -23.40 -31.84 -23.60
CA LYS A 427 -24.73 -31.24 -23.81
C LYS A 427 -25.83 -32.09 -23.20
N GLU A 428 -25.78 -33.41 -23.44
CA GLU A 428 -26.86 -34.27 -22.98
C GLU A 428 -27.01 -34.20 -21.47
N GLU A 429 -25.90 -34.37 -20.75
CA GLU A 429 -26.00 -34.36 -19.30
C GLU A 429 -26.42 -32.99 -18.80
N TYR A 430 -25.93 -31.92 -19.46
CA TYR A 430 -26.30 -30.56 -19.07
C TYR A 430 -27.79 -30.30 -19.22
N GLU A 431 -28.34 -30.60 -20.40
CA GLU A 431 -29.75 -30.29 -20.65
C GLU A 431 -30.67 -31.03 -19.68
N LYS A 432 -30.31 -32.27 -19.32
CA LYS A 432 -31.05 -33.00 -18.29
C LYS A 432 -30.95 -32.30 -16.93
N PHE A 433 -29.80 -31.73 -16.62
CA PHE A 433 -29.63 -30.98 -15.39
C PHE A 433 -30.56 -29.76 -15.37
N VAL A 434 -30.42 -28.89 -16.40
CA VAL A 434 -31.25 -27.69 -16.51
C VAL A 434 -32.73 -28.06 -16.50
N SER A 435 -33.08 -29.17 -17.12
CA SER A 435 -34.51 -29.49 -17.23
C SER A 435 -35.09 -29.83 -15.86
N THR A 436 -34.37 -30.61 -15.04
CA THR A 436 -34.84 -30.87 -13.69
C THR A 436 -35.00 -29.57 -12.93
N ILE A 437 -34.02 -28.66 -13.03
CA ILE A 437 -34.13 -27.37 -12.36
C ILE A 437 -35.39 -26.64 -12.79
N ARG A 438 -35.72 -26.69 -14.09
CA ARG A 438 -36.93 -26.01 -14.58
C ARG A 438 -38.21 -26.66 -14.08
N SER A 439 -38.16 -27.81 -13.41
CA SER A 439 -39.34 -28.53 -12.97
C SER A 439 -39.91 -28.03 -11.64
N VAL A 440 -39.34 -26.99 -11.03
CA VAL A 440 -39.99 -26.34 -9.88
C VAL A 440 -40.09 -24.84 -10.15
N PRO A 441 -41.14 -24.16 -9.66
CA PRO A 441 -41.29 -22.72 -9.95
C PRO A 441 -40.03 -21.88 -9.72
N ILE A 442 -39.30 -22.12 -8.63
CA ILE A 442 -38.09 -21.34 -8.33
C ILE A 442 -37.01 -21.62 -9.38
N GLY A 443 -36.96 -22.83 -9.90
CA GLY A 443 -36.07 -23.10 -11.01
C GLY A 443 -36.39 -22.28 -12.24
N ARG A 444 -37.69 -22.15 -12.57
CA ARG A 444 -38.11 -21.44 -13.78
C ARG A 444 -37.79 -19.97 -13.75
N ALA A 445 -37.61 -19.38 -12.57
CA ALA A 445 -37.27 -17.97 -12.47
C ALA A 445 -35.78 -17.68 -12.69
N LEU A 446 -34.92 -18.69 -12.68
CA LEU A 446 -33.48 -18.46 -12.74
C LEU A 446 -33.02 -18.19 -14.17
N ALA A 447 -32.01 -17.32 -14.29
CA ALA A 447 -31.27 -17.18 -15.53
C ALA A 447 -30.26 -18.34 -15.67
N ILE A 448 -30.43 -19.15 -16.72
CA ILE A 448 -29.64 -20.34 -16.97
C ILE A 448 -29.01 -20.22 -18.35
N PRO A 449 -27.68 -20.31 -18.48
CA PRO A 449 -27.06 -20.25 -19.80
C PRO A 449 -27.29 -21.53 -20.59
N ASN A 450 -27.21 -21.40 -21.91
CA ASN A 450 -27.30 -22.57 -22.78
C ASN A 450 -25.92 -23.15 -23.06
N TYR A 451 -25.87 -24.48 -23.18
CA TYR A 451 -24.62 -25.20 -23.37
C TYR A 451 -23.75 -24.57 -24.46
N GLU A 452 -24.37 -24.17 -25.57
CA GLU A 452 -23.60 -23.64 -26.70
C GLU A 452 -22.90 -22.34 -26.31
N ASN A 453 -23.56 -21.50 -25.52
CA ASN A 453 -22.89 -20.31 -25.02
C ASN A 453 -21.75 -20.67 -24.08
N LEU A 454 -22.01 -21.57 -23.11
CA LEU A 454 -20.97 -22.01 -22.19
C LEU A 454 -19.76 -22.54 -22.95
N ARG A 455 -20.02 -23.31 -24.02
CA ARG A 455 -18.92 -23.95 -24.73
C ARG A 455 -18.12 -22.94 -25.52
N ARG A 456 -18.82 -21.99 -26.15
CA ARG A 456 -18.16 -20.95 -26.92
C ARG A 456 -17.34 -20.04 -26.02
N ASN A 457 -17.89 -19.63 -24.88
CA ASN A 457 -17.13 -18.80 -23.95
C ASN A 457 -15.85 -19.51 -23.50
N TRP A 458 -15.97 -20.80 -23.16
CA TRP A 458 -14.81 -21.58 -22.78
C TRP A 458 -13.81 -21.72 -23.93
N LEU A 459 -14.32 -21.95 -25.15
CA LEU A 459 -13.44 -22.05 -26.31
C LEU A 459 -12.62 -20.78 -26.51
N GLU A 460 -13.23 -19.61 -26.31
CA GLU A 460 -12.56 -18.34 -26.53
C GLU A 460 -11.45 -18.07 -25.51
N LEU A 461 -11.38 -18.81 -24.40
CA LEU A 461 -10.34 -18.51 -23.43
C LEU A 461 -8.96 -18.77 -24.02
N PHE A 462 -8.89 -19.52 -25.10
CA PHE A 462 -7.65 -19.87 -25.74
C PHE A 462 -7.54 -19.13 -27.08
N GLY D 1 -6.83 32.11 -11.09
CA GLY D 1 -6.36 31.31 -12.20
C GLY D 1 -7.41 30.38 -12.79
N GLU D 2 -7.29 30.11 -14.10
CA GLU D 2 -8.38 29.50 -14.85
C GLU D 2 -7.83 28.70 -16.04
N ILE D 3 -8.22 27.44 -16.15
CA ILE D 3 -7.88 26.67 -17.33
C ILE D 3 -8.76 27.16 -18.47
N GLN D 4 -8.12 27.71 -19.50
CA GLN D 4 -8.91 28.21 -20.61
C GLN D 4 -9.22 27.11 -21.61
N TRP D 5 -8.23 26.33 -21.99
CA TRP D 5 -8.48 25.24 -22.91
C TRP D 5 -7.56 24.07 -22.62
N MET D 6 -8.03 22.89 -23.05
CA MET D 6 -7.33 21.62 -22.95
C MET D 6 -7.52 20.88 -24.26
N LYS D 7 -6.45 20.27 -24.76
CA LYS D 7 -6.47 19.74 -26.13
C LYS D 7 -5.52 18.56 -26.24
N SER D 8 -5.54 17.92 -27.41
CA SER D 8 -4.76 16.72 -27.64
C SER D 8 -3.30 17.06 -27.95
N ASN D 9 -2.40 16.16 -27.53
CA ASN D 9 -0.99 16.30 -27.93
C ASN D 9 -0.79 16.09 -29.42
N LYS D 10 -1.63 15.25 -30.04
CA LYS D 10 -1.60 15.18 -31.50
C LYS D 10 -2.07 16.49 -32.11
N GLU D 11 -3.01 17.17 -31.45
CA GLU D 11 -3.53 18.45 -31.93
C GLU D 11 -2.59 19.63 -31.72
N THR D 12 -1.65 19.54 -30.77
CA THR D 12 -0.69 20.62 -30.54
C THR D 12 0.74 20.21 -30.84
N GLY D 13 1.00 18.96 -31.20
CA GLY D 13 2.33 18.48 -31.48
C GLY D 13 3.27 18.37 -30.30
N ARG D 14 2.80 18.57 -29.06
CA ARG D 14 3.69 18.47 -27.91
C ARG D 14 3.98 17.01 -27.58
N LEU D 15 5.22 16.77 -27.14
CA LEU D 15 5.61 15.45 -26.65
C LEU D 15 4.82 15.11 -25.38
N ASN D 16 4.66 13.81 -25.15
CA ASN D 16 3.97 13.34 -23.95
C ASN D 16 4.93 13.31 -22.76
N ILE D 17 4.47 13.84 -21.63
CA ILE D 17 5.24 13.87 -20.39
C ILE D 17 4.55 12.92 -19.41
N ASN D 18 5.08 11.71 -19.27
CA ASN D 18 4.43 10.67 -18.46
C ASN D 18 5.31 10.33 -17.27
N GLY D 19 4.83 10.67 -16.08
CA GLY D 19 5.58 10.44 -14.87
C GLY D 19 5.25 9.11 -14.24
N PRO D 20 6.04 8.74 -13.21
CA PRO D 20 5.77 7.51 -12.45
C PRO D 20 4.43 7.55 -11.73
N THR D 21 3.85 6.37 -11.56
CA THR D 21 2.55 6.24 -10.94
C THR D 21 2.57 5.52 -9.58
N ARG D 22 3.71 5.06 -9.10
CA ARG D 22 3.83 4.38 -7.81
C ARG D 22 4.65 5.18 -6.81
N THR D 23 4.21 5.20 -5.57
CA THR D 23 4.85 6.02 -4.55
C THR D 23 6.16 5.39 -4.08
N LYS D 24 7.12 6.25 -3.71
CA LYS D 24 8.38 5.84 -3.12
C LYS D 24 8.29 5.74 -1.61
N LEU D 25 7.14 6.12 -1.05
CA LEU D 25 6.89 5.98 0.38
C LEU D 25 6.45 4.57 0.72
N GLU D 26 6.98 4.03 1.81
CA GLU D 26 6.53 2.76 2.33
C GLU D 26 6.60 2.83 3.85
N PRO D 27 5.84 1.99 4.55
CA PRO D 27 5.90 2.00 6.01
C PRO D 27 7.32 1.81 6.54
N SER D 28 7.61 2.50 7.64
CA SER D 28 8.93 2.51 8.27
C SER D 28 8.93 1.53 9.44
N ALA D 29 10.11 1.37 10.04
CA ALA D 29 10.22 0.57 11.26
C ALA D 29 9.32 1.08 12.38
N PHE D 30 8.81 2.30 12.29
CA PHE D 30 7.96 2.85 13.35
C PHE D 30 6.47 2.93 12.97
N TYR D 31 6.08 2.41 11.78
CA TYR D 31 4.68 2.47 11.37
C TYR D 31 3.76 1.84 12.41
N ASP D 32 4.20 0.75 13.03
CA ASP D 32 3.40 -0.03 13.97
C ASP D 32 3.42 0.52 15.41
N VAL D 33 4.38 1.36 15.79
CA VAL D 33 4.38 1.88 17.17
C VAL D 33 3.88 3.32 17.26
N PHE D 34 3.61 3.96 16.14
CA PHE D 34 3.02 5.29 16.14
C PHE D 34 1.70 5.25 15.38
N GLU D 35 0.76 6.05 15.88
CA GLU D 35 -0.53 6.24 15.26
C GLU D 35 -0.45 7.39 14.28
N GLY D 36 -1.11 7.21 13.13
CA GLY D 36 -1.21 8.26 12.13
C GLY D 36 -2.29 7.89 11.15
N SER D 37 -2.69 8.88 10.34
CA SER D 37 -3.70 8.65 9.32
C SER D 37 -3.34 9.17 7.94
N LYS D 38 -2.18 9.80 7.77
CA LYS D 38 -1.77 10.20 6.42
C LYS D 38 -1.25 9.00 5.65
N LYS D 39 -1.52 8.99 4.35
CA LYS D 39 -0.95 8.02 3.43
C LYS D 39 -0.35 8.74 2.24
N PRO D 40 0.47 8.04 1.44
CA PRO D 40 0.93 8.60 0.17
C PRO D 40 -0.23 9.11 -0.67
N ALA D 41 0.03 10.16 -1.45
CA ALA D 41 -1.02 10.79 -2.25
C ALA D 41 -1.45 9.90 -3.41
N VAL D 42 -2.71 10.06 -3.83
CA VAL D 42 -3.17 9.40 -5.04
C VAL D 42 -2.31 9.84 -6.22
N LEU D 43 -1.74 8.86 -6.93
CA LEU D 43 -0.95 9.15 -8.11
C LEU D 43 -1.65 8.80 -9.41
N THR D 44 -2.66 7.92 -9.39
CA THR D 44 -3.35 7.43 -10.57
C THR D 44 -4.84 7.60 -10.38
N SER D 45 -5.58 7.74 -11.48
CA SER D 45 -7.02 7.66 -11.44
C SER D 45 -7.52 6.26 -11.12
N LYS D 46 -6.65 5.27 -11.29
CA LYS D 46 -6.98 3.88 -11.04
C LYS D 46 -6.82 3.49 -9.57
N ASP D 47 -6.71 4.46 -8.65
CA ASP D 47 -6.33 4.18 -7.27
C ASP D 47 -7.54 3.68 -6.49
N PRO D 48 -7.44 2.51 -5.84
CA PRO D 48 -8.60 1.95 -5.11
C PRO D 48 -9.18 2.86 -4.05
N ARG D 49 -8.39 3.74 -3.45
CA ARG D 49 -8.86 4.62 -2.39
C ARG D 49 -9.68 5.81 -2.90
N LEU D 50 -9.78 5.99 -4.23
CA LEU D 50 -10.49 7.14 -4.80
C LEU D 50 -12.00 7.02 -4.64
N GLU D 51 -12.63 8.06 -4.10
CA GLU D 51 -14.08 8.17 -4.04
C GLU D 51 -14.64 9.25 -4.97
N VAL D 52 -13.80 9.81 -5.84
CA VAL D 52 -14.19 10.87 -6.77
C VAL D 52 -13.46 10.64 -8.08
N ASP D 53 -13.78 11.47 -9.07
CA ASP D 53 -13.02 11.50 -10.32
C ASP D 53 -11.70 12.22 -10.09
N PHE D 54 -10.59 11.55 -10.38
CA PHE D 54 -9.27 12.10 -10.06
C PHE D 54 -9.05 13.44 -10.74
N GLU D 55 -9.04 13.44 -12.07
CA GLU D 55 -8.58 14.60 -12.81
C GLU D 55 -9.47 15.81 -12.61
N GLN D 56 -10.74 15.61 -12.28
CA GLN D 56 -11.57 16.75 -11.88
C GLN D 56 -11.12 17.30 -10.54
N ALA D 57 -10.69 16.43 -9.62
CA ALA D 57 -10.16 16.92 -8.35
C ALA D 57 -8.82 17.62 -8.56
N LEU D 58 -7.92 16.99 -9.33
CA LEU D 58 -6.60 17.56 -9.60
C LEU D 58 -6.67 19.00 -10.08
N PHE D 59 -7.61 19.30 -10.96
CA PHE D 59 -7.63 20.62 -11.58
C PHE D 59 -8.68 21.53 -10.95
N SER D 60 -9.39 21.05 -9.94
CA SER D 60 -10.45 21.86 -9.33
C SER D 60 -9.91 23.17 -8.75
N LYS D 61 -8.62 23.24 -8.44
CA LYS D 61 -8.07 24.45 -7.83
C LYS D 61 -8.24 25.69 -8.70
N TYR D 62 -8.39 25.55 -10.01
CA TYR D 62 -8.43 26.73 -10.87
C TYR D 62 -9.85 27.31 -10.84
N VAL D 63 -10.07 28.24 -9.89
CA VAL D 63 -11.41 28.70 -9.52
C VAL D 63 -11.85 29.89 -10.37
N GLY D 64 -11.31 30.03 -11.56
CA GLY D 64 -11.58 31.19 -12.36
C GLY D 64 -10.73 32.39 -11.97
N ASN D 65 -11.10 33.54 -12.54
CA ASN D 65 -10.40 34.80 -12.35
C ASN D 65 -11.43 35.90 -12.06
N THR D 66 -10.97 36.97 -11.42
CA THR D 66 -11.81 38.13 -11.20
C THR D 66 -11.14 39.30 -11.92
N LEU D 67 -10.42 40.17 -11.21
CA LEU D 67 -9.77 41.31 -11.85
C LEU D 67 -8.58 40.90 -12.71
N HIS D 68 -8.49 41.47 -13.91
CA HIS D 68 -7.33 41.32 -14.78
C HIS D 68 -6.33 42.48 -14.64
N GLU D 69 -6.66 43.53 -13.88
CA GLU D 69 -6.04 44.83 -14.03
C GLU D 69 -6.11 45.69 -12.77
N PRO D 70 -5.02 46.39 -12.40
CA PRO D 70 -5.03 47.19 -11.18
C PRO D 70 -6.15 48.22 -11.11
N ASP D 71 -6.75 48.34 -9.92
CA ASP D 71 -7.44 49.56 -9.56
C ASP D 71 -6.45 50.46 -8.84
N GLU D 72 -6.92 51.59 -8.30
CA GLU D 72 -6.00 52.49 -7.60
C GLU D 72 -5.41 51.86 -6.33
N TYR D 73 -6.12 50.93 -5.69
CA TYR D 73 -5.67 50.39 -4.43
C TYR D 73 -4.46 49.47 -4.64
N VAL D 74 -4.64 48.43 -5.47
CA VAL D 74 -3.53 47.63 -6.00
C VAL D 74 -2.34 48.49 -6.41
N THR D 75 -2.61 49.61 -7.09
CA THR D 75 -1.51 50.43 -7.62
C THR D 75 -0.74 51.09 -6.49
N GLN D 76 -1.45 51.58 -5.47
CA GLN D 76 -0.77 52.20 -4.34
C GLN D 76 -0.04 51.16 -3.52
N ALA D 77 -0.71 50.02 -3.26
CA ALA D 77 -0.07 48.87 -2.62
C ALA D 77 1.20 48.46 -3.35
N ALA D 78 1.12 48.32 -4.68
CA ALA D 78 2.30 47.94 -5.46
C ALA D 78 3.41 48.99 -5.32
N LEU D 79 3.03 50.26 -5.45
CA LEU D 79 4.02 51.34 -5.40
C LEU D 79 4.66 51.48 -4.01
N HIS D 80 3.87 51.28 -2.95
CA HIS D 80 4.40 51.38 -1.59
C HIS D 80 5.40 50.28 -1.30
N TYR D 81 5.05 49.03 -1.64
CA TYR D 81 5.99 47.93 -1.50
C TYR D 81 7.27 48.17 -2.30
N ALA D 82 7.13 48.66 -3.53
CA ALA D 82 8.32 48.89 -4.36
C ALA D 82 9.23 49.92 -3.73
N ASN D 83 8.63 50.94 -3.11
CA ASN D 83 9.42 51.95 -2.42
C ASN D 83 10.19 51.34 -1.25
N GLN D 84 9.57 50.40 -0.54
CA GLN D 84 10.23 49.71 0.56
C GLN D 84 11.46 48.95 0.05
N LEU D 85 11.31 48.24 -1.08
CA LEU D 85 12.40 47.44 -1.65
C LEU D 85 13.58 48.26 -2.14
N LYS D 86 13.36 49.54 -2.47
CA LYS D 86 14.41 50.36 -3.06
C LYS D 86 15.70 50.39 -2.23
N GLN D 87 15.60 50.31 -0.90
CA GLN D 87 16.79 50.38 -0.04
C GLN D 87 17.71 49.16 -0.16
N LEU D 88 17.22 48.04 -0.68
CA LEU D 88 18.06 46.88 -0.91
C LEU D 88 19.02 47.08 -2.08
N ASP D 89 18.74 48.04 -2.96
CA ASP D 89 19.61 48.33 -4.10
C ASP D 89 19.75 47.11 -5.00
N ILE D 90 18.62 46.56 -5.42
CA ILE D 90 18.62 45.32 -6.18
C ILE D 90 19.24 45.57 -7.55
N ASN D 91 20.23 44.74 -7.91
CA ASN D 91 20.93 44.86 -9.18
C ASN D 91 20.04 44.27 -10.29
N VAL D 92 19.50 45.13 -11.16
CA VAL D 92 18.55 44.69 -12.18
C VAL D 92 19.26 44.28 -13.47
N ASN D 93 20.58 44.15 -13.44
CA ASN D 93 21.34 43.71 -14.60
C ASN D 93 21.22 42.20 -14.81
N LYS D 94 21.18 41.78 -16.07
CA LYS D 94 21.15 40.35 -16.37
C LYS D 94 22.37 39.64 -15.81
N MET D 95 22.14 38.49 -15.20
CA MET D 95 23.20 37.61 -14.74
C MET D 95 23.77 36.84 -15.93
N SER D 96 25.07 36.58 -15.90
CA SER D 96 25.67 35.79 -16.97
C SER D 96 25.05 34.41 -16.96
N MET D 97 25.01 33.77 -18.15
CA MET D 97 24.52 32.39 -18.19
C MET D 97 25.34 31.48 -17.27
N GLU D 98 26.66 31.73 -17.17
CA GLU D 98 27.50 30.91 -16.30
C GLU D 98 27.02 30.95 -14.86
N GLU D 99 26.90 32.15 -14.29
CA GLU D 99 26.39 32.27 -12.91
C GLU D 99 24.99 31.68 -12.79
N ALA D 100 24.13 31.94 -13.79
CA ALA D 100 22.76 31.45 -13.73
C ALA D 100 22.71 29.93 -13.71
N CYS D 101 23.60 29.29 -14.44
CA CYS D 101 23.65 27.83 -14.43
C CYS D 101 24.34 27.30 -13.16
N TYR D 102 25.54 27.80 -12.85
CA TYR D 102 26.43 27.12 -11.90
C TYR D 102 26.51 27.79 -10.53
N GLY D 103 25.96 28.98 -10.37
CA GLY D 103 25.68 29.53 -9.06
C GLY D 103 26.60 30.69 -8.70
N THR D 104 26.23 31.34 -7.60
CA THR D 104 27.04 32.35 -6.94
C THR D 104 26.88 32.14 -5.43
N GLU D 105 27.35 33.11 -4.65
CA GLU D 105 27.25 33.01 -3.19
C GLU D 105 25.81 32.86 -2.75
N TYR D 106 24.91 33.69 -3.26
CA TYR D 106 23.51 33.71 -2.84
C TYR D 106 22.56 33.15 -3.89
N LEU D 107 23.09 32.58 -4.97
CA LEU D 107 22.29 31.84 -5.93
C LEU D 107 22.84 30.42 -6.00
N GLU D 108 22.01 29.44 -5.66
CA GLU D 108 22.44 28.07 -5.77
C GLU D 108 22.49 27.63 -7.23
N ALA D 109 23.40 26.70 -7.51
CA ALA D 109 23.48 26.10 -8.82
C ALA D 109 22.13 25.52 -9.22
N ILE D 110 21.87 25.46 -10.52
CA ILE D 110 20.70 24.74 -10.96
C ILE D 110 20.86 23.31 -10.50
N ASP D 111 19.77 22.76 -9.97
CA ASP D 111 19.79 21.42 -9.39
C ASP D 111 19.94 20.39 -10.49
N LEU D 112 21.08 19.72 -10.50
CA LEU D 112 21.43 18.73 -11.51
C LEU D 112 20.88 17.34 -11.21
N HIS D 113 20.15 17.15 -10.11
CA HIS D 113 19.64 15.84 -9.74
C HIS D 113 18.15 15.70 -10.02
N THR D 114 17.55 16.72 -10.63
CA THR D 114 16.13 16.78 -10.96
C THR D 114 15.99 16.90 -12.46
N SER D 115 14.73 16.79 -12.92
CA SER D 115 14.40 16.76 -14.34
C SER D 115 14.84 18.04 -15.05
N ALA D 116 15.01 17.93 -16.36
CA ALA D 116 15.29 19.09 -17.21
C ALA D 116 14.03 19.58 -17.94
N GLY D 117 12.90 18.95 -17.70
CA GLY D 117 11.62 19.46 -18.16
C GLY D 117 11.36 19.16 -19.62
N TYR D 118 10.34 19.82 -20.15
CA TYR D 118 9.99 19.70 -21.55
C TYR D 118 10.98 20.43 -22.43
N PRO D 119 11.48 19.79 -23.50
CA PRO D 119 11.19 18.43 -23.99
C PRO D 119 12.17 17.36 -23.53
N TYR D 120 13.23 17.81 -22.87
CA TYR D 120 14.40 16.96 -22.58
C TYR D 120 14.02 15.64 -21.94
N SER D 121 13.07 15.65 -21.01
CA SER D 121 12.66 14.40 -20.36
C SER D 121 12.02 13.45 -21.37
N ALA D 122 11.15 13.96 -22.24
CA ALA D 122 10.58 13.11 -23.27
C ALA D 122 11.61 12.63 -24.28
N LEU D 123 12.73 13.35 -24.43
CA LEU D 123 13.80 12.97 -25.34
C LEU D 123 14.92 12.23 -24.65
N GLY D 124 14.80 11.94 -23.36
CA GLY D 124 15.85 11.27 -22.63
C GLY D 124 17.09 12.09 -22.36
N VAL D 125 16.98 13.42 -22.40
CA VAL D 125 18.09 14.32 -22.11
C VAL D 125 17.95 14.79 -20.67
N LYS D 126 18.96 14.50 -19.83
CA LYS D 126 18.96 14.90 -18.43
C LYS D 126 19.77 16.18 -18.25
N LYS D 127 19.64 16.80 -17.07
CA LYS D 127 20.40 18.03 -16.81
C LYS D 127 21.90 17.76 -16.80
N ARG D 128 22.32 16.65 -16.19
CA ARG D 128 23.75 16.30 -16.16
C ARG D 128 24.31 16.08 -17.56
N ASP D 129 23.45 15.93 -18.57
CA ASP D 129 23.91 15.77 -19.94
C ASP D 129 24.19 17.11 -20.63
N ILE D 130 23.75 18.21 -20.05
CA ILE D 130 23.91 19.53 -20.64
C ILE D 130 24.86 20.40 -19.82
N LEU D 131 24.75 20.35 -18.50
CA LEU D 131 25.52 21.18 -17.60
C LEU D 131 26.46 20.29 -16.81
N ASP D 132 27.64 20.80 -16.50
CA ASP D 132 28.63 20.02 -15.78
C ASP D 132 29.40 20.95 -14.86
N PRO D 133 29.31 20.75 -13.54
CA PRO D 133 29.88 21.75 -12.60
C PRO D 133 31.38 21.78 -12.61
N ILE D 134 32.03 20.84 -13.30
CA ILE D 134 33.48 20.82 -13.33
C ILE D 134 33.95 21.71 -14.47
N THR D 135 33.45 21.42 -15.69
CA THR D 135 33.73 22.31 -16.81
C THR D 135 33.14 23.70 -16.57
N ARG D 136 31.98 23.77 -15.93
CA ARG D 136 31.16 24.97 -15.93
C ARG D 136 30.93 25.47 -17.34
N ASP D 137 30.75 24.53 -18.25
CA ASP D 137 30.45 24.87 -19.63
C ASP D 137 29.02 25.37 -19.75
N THR D 138 28.83 26.42 -20.55
CA THR D 138 27.50 26.84 -20.95
C THR D 138 27.30 26.72 -22.45
N THR D 139 28.23 26.07 -23.15
CA THR D 139 28.10 25.94 -24.61
C THR D 139 26.94 25.03 -24.97
N LYS D 140 26.87 23.84 -24.35
CA LYS D 140 25.74 22.96 -24.62
C LYS D 140 24.42 23.62 -24.27
N MET D 141 24.41 24.42 -23.21
CA MET D 141 23.17 25.06 -22.78
C MET D 141 22.70 26.10 -23.79
N LYS D 142 23.61 26.94 -24.29
CA LYS D 142 23.21 27.98 -25.24
C LYS D 142 22.65 27.37 -26.51
N PHE D 143 23.32 26.34 -27.04
CA PHE D 143 22.79 25.60 -28.17
C PHE D 143 21.33 25.22 -27.98
N TYR D 144 21.00 24.62 -26.82
CA TYR D 144 19.65 24.10 -26.63
C TYR D 144 18.63 25.21 -26.39
N MET D 145 19.05 26.30 -25.79
CA MET D 145 18.16 27.45 -25.75
C MET D 145 17.93 28.02 -27.15
N ASP D 146 18.93 27.91 -28.03
CA ASP D 146 18.71 28.33 -29.41
C ASP D 146 17.78 27.37 -30.13
N LYS D 147 18.00 26.06 -29.96
CA LYS D 147 17.20 25.06 -30.67
C LYS D 147 15.75 25.08 -30.21
N TYR D 148 15.51 24.93 -28.89
CA TYR D 148 14.14 24.79 -28.43
C TYR D 148 13.52 26.09 -27.97
N GLY D 149 14.32 27.13 -27.76
CA GLY D 149 13.78 28.44 -27.45
C GLY D 149 13.39 28.57 -25.99
N LEU D 150 12.53 29.55 -25.76
CA LEU D 150 12.00 29.87 -24.44
C LEU D 150 10.48 29.69 -24.46
N ASP D 151 9.86 30.00 -23.32
CA ASP D 151 8.42 29.82 -23.15
C ASP D 151 8.01 28.39 -23.51
N LEU D 152 8.72 27.43 -22.93
CA LEU D 152 8.32 26.06 -23.12
C LEU D 152 7.20 25.75 -22.14
N PRO D 153 6.43 24.69 -22.40
CA PRO D 153 5.36 24.35 -21.47
C PRO D 153 5.93 23.75 -20.20
N TYR D 154 5.11 23.80 -19.15
CA TYR D 154 5.44 23.16 -17.87
C TYR D 154 4.96 21.73 -17.90
N SER D 155 5.79 20.81 -17.41
CA SER D 155 5.43 19.40 -17.33
C SER D 155 4.72 19.14 -16.02
N THR D 156 3.45 18.77 -16.08
CA THR D 156 2.69 18.52 -14.85
C THR D 156 2.92 17.11 -14.32
N TYR D 157 3.23 17.00 -13.03
CA TYR D 157 3.30 15.73 -12.30
C TYR D 157 2.58 15.87 -10.96
N VAL D 158 2.01 14.76 -10.49
CA VAL D 158 1.42 14.70 -9.16
C VAL D 158 2.52 14.52 -8.12
N LYS D 159 2.40 15.22 -7.00
CA LYS D 159 3.47 15.25 -6.00
C LYS D 159 3.38 13.99 -5.14
N ASP D 160 4.46 13.23 -5.12
CA ASP D 160 4.56 12.05 -4.28
C ASP D 160 4.90 12.48 -2.84
N GLU D 161 3.91 12.38 -1.95
CA GLU D 161 4.03 12.88 -0.59
C GLU D 161 2.84 12.37 0.20
N LEU D 162 2.96 12.41 1.52
CA LEU D 162 1.85 12.07 2.38
C LEU D 162 0.77 13.14 2.32
N ARG D 163 -0.47 12.70 2.54
CA ARG D 163 -1.62 13.57 2.60
C ARG D 163 -2.58 13.04 3.65
N SER D 164 -3.39 13.95 4.20
CA SER D 164 -4.51 13.57 5.07
C SER D 164 -5.37 12.47 4.47
N LEU D 165 -6.19 11.82 5.28
CA LEU D 165 -7.10 10.80 4.75
C LEU D 165 -8.23 11.42 3.93
N ASP D 166 -8.78 12.55 4.39
CA ASP D 166 -9.81 13.22 3.61
C ASP D 166 -9.33 13.50 2.20
N LYS D 167 -8.07 13.94 2.07
CA LYS D 167 -7.54 14.33 0.77
C LYS D 167 -7.17 13.13 -0.09
N ILE D 168 -7.23 11.92 0.45
CA ILE D 168 -7.01 10.74 -0.36
C ILE D 168 -8.29 10.26 -1.02
N ARG D 169 -9.37 10.14 -0.25
CA ARG D 169 -10.65 9.75 -0.84
C ARG D 169 -11.11 10.78 -1.85
N LYS D 170 -10.94 12.07 -1.54
CA LYS D 170 -11.37 13.15 -2.42
C LYS D 170 -10.37 13.45 -3.54
N GLY D 171 -9.36 12.60 -3.74
CA GLY D 171 -8.41 12.75 -4.83
C GLY D 171 -7.68 14.07 -4.90
N LYS D 172 -7.57 14.75 -3.77
CA LYS D 172 -6.95 16.08 -3.73
C LYS D 172 -5.44 15.94 -3.55
N SER D 173 -4.79 15.49 -4.61
CA SER D 173 -3.35 15.55 -4.73
C SER D 173 -2.91 16.92 -5.24
N ARG D 174 -1.66 17.26 -4.95
CA ARG D 174 -1.06 18.50 -5.38
C ARG D 174 -0.24 18.28 -6.64
N LEU D 175 -0.09 19.34 -7.42
CA LEU D 175 0.55 19.24 -8.71
C LEU D 175 1.88 19.99 -8.71
N ILE D 176 2.84 19.41 -9.42
CA ILE D 176 4.14 20.00 -9.65
C ILE D 176 4.18 20.45 -11.11
N GLU D 177 4.42 21.75 -11.33
CA GLU D 177 4.58 22.28 -12.68
C GLU D 177 6.07 22.39 -12.95
N ALA D 178 6.66 21.31 -13.47
CA ALA D 178 8.09 21.25 -13.69
C ALA D 178 8.51 22.23 -14.78
N SER D 179 9.50 23.05 -14.48
CA SER D 179 10.01 24.08 -15.38
C SER D 179 11.05 23.50 -16.34
N SER D 180 10.92 23.83 -17.62
CA SER D 180 11.94 23.50 -18.59
C SER D 180 13.27 24.14 -18.19
N LEU D 181 14.36 23.42 -18.43
CA LEU D 181 15.69 23.97 -18.15
C LEU D 181 15.88 25.32 -18.84
N ASN D 182 15.35 25.46 -20.07
CA ASN D 182 15.46 26.72 -20.80
C ASN D 182 14.91 27.88 -19.98
N ASP D 183 13.72 27.70 -19.41
CA ASP D 183 13.04 28.81 -18.74
C ASP D 183 13.64 29.10 -17.37
N SER D 184 14.09 28.08 -16.64
CA SER D 184 14.82 28.32 -15.41
C SER D 184 16.04 29.17 -15.70
N VAL D 185 16.79 28.80 -16.73
CA VAL D 185 18.04 29.49 -17.01
C VAL D 185 17.74 30.94 -17.33
N TYR D 186 16.70 31.18 -18.12
CA TYR D 186 16.42 32.53 -18.55
C TYR D 186 15.79 33.33 -17.42
N LEU D 187 14.94 32.74 -16.59
CA LEU D 187 14.44 33.48 -15.44
C LEU D 187 15.55 33.76 -14.43
N ARG D 188 16.52 32.85 -14.27
CA ARG D 188 17.63 33.10 -13.36
C ARG D 188 18.58 34.15 -13.92
N MET D 189 18.86 34.11 -15.23
CA MET D 189 19.71 35.15 -15.81
C MET D 189 19.12 36.54 -15.57
N THR D 190 17.81 36.71 -15.74
CA THR D 190 17.33 38.09 -15.65
C THR D 190 16.89 38.49 -14.25
N PHE D 191 16.51 37.54 -13.40
CA PHE D 191 16.15 37.90 -12.03
C PHE D 191 17.14 37.38 -10.97
N GLY D 192 18.31 36.88 -11.38
CA GLY D 192 19.20 36.23 -10.42
C GLY D 192 19.56 37.11 -9.22
N HIS D 193 19.93 38.36 -9.48
CA HIS D 193 20.32 39.24 -8.40
C HIS D 193 19.17 39.54 -7.46
N LEU D 194 17.94 39.63 -7.98
CA LEU D 194 16.78 39.73 -7.10
C LEU D 194 16.71 38.53 -6.16
N TYR D 195 16.84 37.32 -6.70
CA TYR D 195 16.89 36.12 -5.85
C TYR D 195 18.00 36.22 -4.82
N GLU D 196 19.18 36.67 -5.24
CA GLU D 196 20.31 36.81 -4.32
C GLU D 196 19.99 37.77 -3.18
N THR D 197 19.32 38.88 -3.50
CA THR D 197 19.00 39.86 -2.48
C THR D 197 17.96 39.31 -1.50
N PHE D 198 16.93 38.64 -2.02
CA PHE D 198 15.93 38.10 -1.13
C PHE D 198 16.49 36.99 -0.23
N HIS D 199 17.30 36.09 -0.81
CA HIS D 199 17.89 35.01 -0.01
C HIS D 199 18.74 35.58 1.10
N ALA D 200 19.48 36.64 0.84
CA ALA D 200 20.33 37.29 1.82
C ALA D 200 19.56 38.19 2.79
N ASN D 201 18.24 38.35 2.68
CA ASN D 201 17.56 39.38 3.46
C ASN D 201 16.16 38.99 3.92
N PRO D 202 16.03 37.83 4.58
CA PRO D 202 14.74 37.55 5.23
C PRO D 202 14.45 38.64 6.24
N GLY D 203 13.22 39.13 6.23
CA GLY D 203 12.80 40.09 7.23
C GLY D 203 11.67 40.92 6.68
N THR D 204 11.45 42.08 7.32
CA THR D 204 10.31 42.93 7.02
C THR D 204 10.63 44.03 6.01
N VAL D 205 11.87 44.12 5.53
CA VAL D 205 12.17 44.96 4.37
C VAL D 205 11.77 44.25 3.08
N THR D 206 12.30 43.05 2.86
CA THR D 206 11.80 42.27 1.75
C THR D 206 10.34 41.89 1.96
N GLY D 207 9.86 41.90 3.19
CA GLY D 207 8.60 41.24 3.49
C GLY D 207 8.65 39.74 3.28
N SER D 208 9.83 39.14 3.26
CA SER D 208 9.96 37.73 2.93
C SER D 208 10.68 36.96 4.04
N ALA D 209 10.13 35.81 4.42
CA ALA D 209 10.78 34.91 5.36
C ALA D 209 11.60 33.82 4.68
N VAL D 210 11.81 33.91 3.35
CA VAL D 210 12.66 32.96 2.63
C VAL D 210 14.10 33.16 3.06
N GLY D 211 14.74 32.09 3.53
CA GLY D 211 16.08 32.18 4.08
C GLY D 211 16.13 32.31 5.58
N CYS D 212 14.98 32.29 6.24
CA CYS D 212 14.94 32.32 7.69
C CYS D 212 15.23 30.93 8.26
N ASN D 213 15.74 30.92 9.49
CA ASN D 213 15.92 29.69 10.27
C ASN D 213 15.04 29.83 11.50
N PRO D 214 13.86 29.19 11.51
CA PRO D 214 12.92 29.39 12.65
C PRO D 214 13.59 29.25 14.04
N ASP D 215 14.50 28.30 14.22
CA ASP D 215 15.17 28.14 15.52
C ASP D 215 15.61 29.48 16.10
N VAL D 216 16.16 30.36 15.26
CA VAL D 216 16.54 31.69 15.72
C VAL D 216 15.62 32.80 15.20
N PHE D 217 14.97 32.61 14.05
CA PHE D 217 14.12 33.66 13.50
C PHE D 217 12.92 33.93 14.39
N TRP D 218 12.44 32.92 15.11
CA TRP D 218 11.24 33.07 15.92
C TRP D 218 11.43 34.12 16.99
N SER D 219 12.59 34.13 17.63
CA SER D 219 12.85 35.09 18.71
C SER D 219 12.95 36.49 18.19
N LYS D 220 13.14 36.65 16.88
CA LYS D 220 13.29 37.95 16.29
C LYS D 220 11.99 38.55 15.81
N LEU D 221 10.95 37.72 15.55
CA LEU D 221 9.68 38.18 15.00
C LEU D 221 8.98 39.20 15.90
N PRO D 222 8.89 38.98 17.24
CA PRO D 222 8.27 40.02 18.10
C PRO D 222 8.89 41.39 17.93
N ILE D 223 10.18 41.47 17.62
CA ILE D 223 10.81 42.76 17.37
C ILE D 223 10.46 43.26 15.97
N LEU D 224 10.49 42.34 14.99
CA LEU D 224 10.23 42.69 13.61
C LEU D 224 8.79 43.12 13.41
N LEU D 225 7.85 42.51 14.14
CA LEU D 225 6.43 42.80 14.01
C LEU D 225 5.91 43.34 15.34
N PRO D 226 6.16 44.61 15.66
CA PRO D 226 5.58 45.19 16.86
C PRO D 226 4.13 45.60 16.62
N GLY D 227 3.42 45.83 17.72
CA GLY D 227 2.04 46.23 17.61
C GLY D 227 1.10 45.04 17.62
N SER D 228 -0.04 45.14 16.96
CA SER D 228 -1.04 44.10 17.04
C SER D 228 -0.90 43.14 15.86
N LEU D 229 -1.01 41.84 16.15
CA LEU D 229 -0.73 40.78 15.17
C LEU D 229 -1.97 40.38 14.35
N PHE D 230 -1.76 40.17 13.05
CA PHE D 230 -2.74 39.41 12.25
C PHE D 230 -2.05 38.39 11.35
N ALA D 231 -2.82 37.38 10.93
CA ALA D 231 -2.31 36.25 10.14
C ALA D 231 -3.40 35.63 9.26
N PHE D 232 -2.95 34.93 8.22
CA PHE D 232 -3.83 34.26 7.27
C PHE D 232 -3.16 33.04 6.68
N ASP D 233 -3.99 32.10 6.29
CA ASP D 233 -3.65 31.15 5.24
C ASP D 233 -4.58 31.39 4.04
N TYR D 234 -4.29 30.72 2.94
CA TYR D 234 -5.13 30.82 1.76
C TYR D 234 -5.49 29.43 1.26
N SER D 235 -6.75 29.28 0.85
CA SER D 235 -7.15 28.08 0.12
C SER D 235 -6.65 28.18 -1.31
N GLY D 236 -5.75 27.27 -1.70
CA GLY D 236 -5.21 27.23 -3.06
C GLY D 236 -4.65 28.55 -3.57
N TYR D 237 -3.69 29.11 -2.85
CA TYR D 237 -3.07 30.41 -3.18
C TYR D 237 -2.71 30.54 -4.65
N ASP D 238 -1.72 29.75 -5.09
CA ASP D 238 -1.16 29.89 -6.42
C ASP D 238 -2.26 29.92 -7.49
N ALA D 239 -3.22 29.00 -7.39
CA ALA D 239 -4.22 28.80 -8.43
C ALA D 239 -5.38 29.78 -8.36
N SER D 240 -5.53 30.54 -7.27
CA SER D 240 -6.54 31.58 -7.17
C SER D 240 -6.04 32.95 -7.62
N LEU D 241 -4.74 33.12 -7.78
CA LEU D 241 -4.21 34.42 -8.18
C LEU D 241 -4.76 34.81 -9.53
N SER D 242 -5.43 35.96 -9.59
CA SER D 242 -5.91 36.51 -10.83
C SER D 242 -4.83 37.32 -11.52
N PRO D 243 -4.96 37.55 -12.83
CA PRO D 243 -3.93 38.32 -13.55
C PRO D 243 -3.55 39.64 -12.90
N VAL D 244 -4.49 40.35 -12.27
CA VAL D 244 -4.17 41.65 -11.68
C VAL D 244 -2.96 41.56 -10.74
N TRP D 245 -2.82 40.46 -9.98
CA TRP D 245 -1.65 40.34 -9.10
C TRP D 245 -0.34 40.23 -9.88
N PHE D 246 -0.38 39.64 -11.07
CA PHE D 246 0.80 39.58 -11.92
C PHE D 246 1.13 40.94 -12.51
N ARG D 247 0.10 41.73 -12.85
CA ARG D 247 0.36 43.08 -13.33
C ARG D 247 0.83 43.97 -12.18
N ALA D 248 0.34 43.72 -10.96
CA ALA D 248 0.90 44.41 -9.81
C ALA D 248 2.37 44.05 -9.64
N LEU D 249 2.70 42.75 -9.72
CA LEU D 249 4.10 42.34 -9.65
C LEU D 249 4.93 43.06 -10.71
N GLU D 250 4.36 43.26 -11.91
CA GLU D 250 5.11 43.93 -12.97
C GLU D 250 5.39 45.38 -12.62
N VAL D 251 4.40 46.06 -12.04
CA VAL D 251 4.63 47.44 -11.61
C VAL D 251 5.79 47.51 -10.64
N VAL D 252 5.76 46.63 -9.63
CA VAL D 252 6.79 46.62 -8.61
C VAL D 252 8.16 46.44 -9.24
N LEU D 253 8.26 45.44 -10.13
CA LEU D 253 9.51 45.21 -10.83
C LEU D 253 9.91 46.43 -11.65
N ARG D 254 8.92 47.10 -12.25
CA ARG D 254 9.22 48.31 -13.01
C ARG D 254 9.78 49.40 -12.10
N GLU D 255 9.15 49.61 -10.94
CA GLU D 255 9.56 50.71 -10.08
C GLU D 255 11.01 50.61 -9.68
N ILE D 256 11.51 49.39 -9.42
CA ILE D 256 12.88 49.22 -8.94
C ILE D 256 13.87 49.09 -10.09
N GLY D 257 13.45 49.45 -11.30
CA GLY D 257 14.39 49.69 -12.38
C GLY D 257 14.53 48.63 -13.46
N TYR D 258 13.69 47.60 -13.45
CA TYR D 258 13.84 46.53 -14.45
C TYR D 258 13.39 47.03 -15.82
N PRO D 259 14.14 46.73 -16.88
CA PRO D 259 13.66 47.07 -18.23
C PRO D 259 12.46 46.22 -18.59
N GLU D 260 11.73 46.66 -19.61
CA GLU D 260 10.52 45.96 -20.01
C GLU D 260 10.81 44.56 -20.54
N GLU D 261 11.97 44.36 -21.15
CA GLU D 261 12.30 43.02 -21.60
C GLU D 261 12.33 42.07 -20.41
N ALA D 262 12.66 42.57 -19.22
CA ALA D 262 12.57 41.80 -17.98
C ALA D 262 11.15 41.75 -17.44
N VAL D 263 10.49 42.91 -17.31
CA VAL D 263 9.17 42.95 -16.69
C VAL D 263 8.17 42.10 -17.47
N SER D 264 8.30 42.06 -18.78
CA SER D 264 7.34 41.29 -19.56
C SER D 264 7.47 39.79 -19.34
N LEU D 265 8.55 39.32 -18.73
CA LEU D 265 8.61 37.88 -18.47
C LEU D 265 7.54 37.43 -17.48
N ILE D 266 7.10 38.32 -16.57
CA ILE D 266 5.99 37.98 -15.68
C ILE D 266 4.77 37.58 -16.49
N GLU D 267 4.54 38.28 -17.60
CA GLU D 267 3.45 37.92 -18.51
C GLU D 267 3.51 36.46 -18.91
N GLY D 268 4.71 35.90 -19.07
CA GLY D 268 4.89 34.49 -19.38
C GLY D 268 4.61 33.50 -18.25
N ILE D 269 4.45 33.92 -17.00
CA ILE D 269 3.99 33.00 -15.98
C ILE D 269 2.54 33.27 -15.59
N ASN D 270 2.04 34.48 -15.81
CA ASN D 270 0.61 34.70 -15.72
C ASN D 270 -0.13 33.90 -16.79
N HIS D 271 0.53 33.60 -17.90
CA HIS D 271 -0.08 32.94 -19.05
C HIS D 271 0.81 31.77 -19.43
N THR D 272 0.34 30.54 -19.20
CA THR D 272 1.22 29.39 -19.28
C THR D 272 0.56 28.26 -20.05
N HIS D 273 1.39 27.42 -20.64
CA HIS D 273 1.01 26.16 -21.26
C HIS D 273 1.54 25.01 -20.42
N HIS D 274 0.75 23.95 -20.33
CA HIS D 274 1.10 22.79 -19.53
C HIS D 274 0.81 21.53 -20.33
N VAL D 275 1.62 20.50 -20.12
CA VAL D 275 1.45 19.22 -20.79
C VAL D 275 1.29 18.18 -19.70
N TYR D 276 0.07 17.68 -19.54
CA TYR D 276 -0.22 16.62 -18.58
C TYR D 276 -0.46 15.33 -19.35
N ARG D 277 0.45 14.37 -19.16
CA ARG D 277 0.42 13.09 -19.83
C ARG D 277 0.29 13.28 -21.33
N ASN D 278 -0.93 13.19 -21.85
CA ASN D 278 -1.17 13.16 -23.29
C ASN D 278 -1.93 14.38 -23.79
N ARG D 279 -2.29 15.31 -22.92
CA ARG D 279 -3.01 16.53 -23.29
C ARG D 279 -2.19 17.76 -22.90
N THR D 280 -2.32 18.82 -23.69
CA THR D 280 -1.81 20.10 -23.25
C THR D 280 -2.97 21.00 -22.85
N TYR D 281 -2.71 21.89 -21.90
CA TYR D 281 -3.69 22.88 -21.49
C TYR D 281 -3.01 24.22 -21.30
N CYS D 282 -3.83 25.24 -21.16
CA CYS D 282 -3.38 26.62 -21.11
C CYS D 282 -4.07 27.28 -19.92
N VAL D 283 -3.31 28.00 -19.13
CA VAL D 283 -3.81 28.58 -17.88
C VAL D 283 -3.56 30.07 -17.91
N LEU D 284 -4.58 30.84 -17.56
CA LEU D 284 -4.45 32.28 -17.38
C LEU D 284 -4.63 32.60 -15.92
N GLY D 285 -3.73 33.41 -15.39
CA GLY D 285 -3.62 33.58 -13.96
C GLY D 285 -2.96 32.34 -13.37
N GLY D 286 -2.70 32.42 -12.07
CA GLY D 286 -2.15 31.26 -11.39
C GLY D 286 -0.63 31.14 -11.44
N MET D 287 -0.03 30.89 -10.29
CA MET D 287 1.40 30.66 -10.22
C MET D 287 1.73 29.23 -10.63
N PRO D 288 2.54 29.03 -11.67
CA PRO D 288 3.13 27.70 -11.87
C PRO D 288 4.09 27.35 -10.74
N SER D 289 3.78 26.31 -9.97
CA SER D 289 4.49 26.07 -8.71
C SER D 289 5.98 25.80 -8.94
N GLY D 290 6.32 25.09 -10.01
CA GLY D 290 7.70 24.75 -10.23
C GLY D 290 8.54 25.74 -11.00
N CYS D 291 8.09 26.98 -11.19
CA CYS D 291 8.90 27.88 -12.00
C CYS D 291 9.96 28.57 -11.14
N SER D 292 11.02 29.02 -11.80
CA SER D 292 12.02 29.82 -11.14
C SER D 292 11.39 31.07 -10.56
N GLY D 293 11.74 31.36 -9.31
CA GLY D 293 11.29 32.53 -8.60
C GLY D 293 10.02 32.32 -7.83
N THR D 294 9.52 31.10 -7.76
CA THR D 294 8.13 30.88 -7.43
C THR D 294 7.80 31.29 -6.00
N SER D 295 8.65 30.90 -5.04
CA SER D 295 8.30 31.28 -3.67
C SER D 295 8.62 32.75 -3.43
N ILE D 296 9.65 33.27 -4.08
CA ILE D 296 9.94 34.69 -3.99
C ILE D 296 8.82 35.53 -4.61
N PHE D 297 8.35 35.13 -5.80
CA PHE D 297 7.26 35.86 -6.46
C PHE D 297 5.94 35.69 -5.70
N ASN D 298 5.69 34.49 -5.18
CA ASN D 298 4.50 34.31 -4.35
C ASN D 298 4.54 35.21 -3.13
N SER D 299 5.70 35.30 -2.47
CA SER D 299 5.85 36.18 -1.32
C SER D 299 5.75 37.65 -1.72
N MET D 300 6.37 38.03 -2.84
CA MET D 300 6.25 39.42 -3.30
C MET D 300 4.81 39.77 -3.57
N ILE D 301 4.10 38.91 -4.31
CA ILE D 301 2.67 39.17 -4.56
C ILE D 301 1.92 39.33 -3.25
N ASN D 302 2.16 38.42 -2.30
CA ASN D 302 1.46 38.50 -1.01
C ASN D 302 1.66 39.87 -0.35
N ASN D 303 2.87 40.42 -0.43
CA ASN D 303 3.06 41.76 0.11
C ASN D 303 2.16 42.77 -0.59
N ILE D 304 1.89 42.56 -1.88
CA ILE D 304 1.00 43.49 -2.58
C ILE D 304 -0.44 43.28 -2.13
N ILE D 305 -0.84 42.01 -1.97
CA ILE D 305 -2.22 41.67 -1.60
C ILE D 305 -2.61 42.29 -0.26
N ILE D 306 -1.80 42.08 0.78
CA ILE D 306 -2.13 42.60 2.10
C ILE D 306 -2.27 44.11 2.06
N ARG D 307 -1.29 44.80 1.48
CA ARG D 307 -1.36 46.25 1.43
C ARG D 307 -2.64 46.69 0.73
N THR D 308 -2.94 46.05 -0.41
CA THR D 308 -4.14 46.35 -1.19
C THR D 308 -5.41 46.18 -0.37
N LEU D 309 -5.54 45.03 0.33
CA LEU D 309 -6.75 44.78 1.11
C LEU D 309 -6.84 45.70 2.31
N LEU D 310 -5.71 46.15 2.84
CA LEU D 310 -5.76 47.08 3.97
C LEU D 310 -6.40 48.40 3.54
N ILE D 311 -5.83 49.07 2.56
CA ILE D 311 -6.28 50.42 2.22
C ILE D 311 -7.62 50.41 1.48
N LYS D 312 -8.00 49.29 0.87
CA LYS D 312 -9.32 49.18 0.24
C LYS D 312 -10.41 48.97 1.28
N THR D 313 -10.08 48.38 2.43
CA THR D 313 -11.10 48.05 3.42
C THR D 313 -11.33 49.18 4.42
N PHE D 314 -10.27 49.68 5.06
CA PHE D 314 -10.39 50.71 6.08
C PHE D 314 -9.81 52.03 5.61
N LYS D 315 -10.42 53.11 6.09
CA LYS D 315 -9.94 54.47 5.85
C LYS D 315 -8.75 54.81 6.76
N GLY D 316 -7.89 55.70 6.27
CA GLY D 316 -6.80 56.22 7.08
C GLY D 316 -5.73 55.24 7.52
N ILE D 317 -5.47 54.20 6.74
CA ILE D 317 -4.38 53.28 7.00
C ILE D 317 -3.07 53.89 6.56
N ASP D 318 -2.03 53.72 7.39
CA ASP D 318 -0.67 54.12 7.04
C ASP D 318 0.15 52.87 6.76
N LEU D 319 0.46 52.64 5.47
CA LEU D 319 1.21 51.44 5.10
C LEU D 319 2.60 51.43 5.72
N ASP D 320 3.24 52.60 5.87
CA ASP D 320 4.55 52.68 6.50
C ASP D 320 4.52 52.22 7.95
N GLU D 321 3.34 51.98 8.52
CA GLU D 321 3.19 51.40 9.84
C GLU D 321 2.72 49.96 9.80
N LEU D 322 2.69 49.35 8.60
CA LEU D 322 2.57 47.90 8.51
C LEU D 322 3.95 47.26 8.52
N HIS D 323 4.07 46.17 9.28
CA HIS D 323 5.19 45.26 9.22
C HIS D 323 4.66 43.91 8.80
N MET D 324 5.39 43.21 7.94
CA MET D 324 4.95 41.87 7.59
C MET D 324 6.12 41.07 7.04
N VAL D 325 5.95 39.75 7.11
CA VAL D 325 6.74 38.80 6.35
C VAL D 325 5.78 37.76 5.77
N ALA D 326 6.06 37.34 4.54
CA ALA D 326 5.36 36.24 3.92
C ALA D 326 6.35 35.18 3.45
N TYR D 327 5.89 33.95 3.40
CA TYR D 327 6.62 32.84 2.76
C TYR D 327 5.56 32.15 1.91
N GLY D 328 5.55 32.48 0.61
CA GLY D 328 4.44 31.98 -0.18
C GLY D 328 3.17 32.54 0.40
N ASP D 329 2.15 31.70 0.56
CA ASP D 329 0.87 32.20 1.05
C ASP D 329 0.88 32.48 2.55
N ASP D 330 1.84 31.91 3.31
CA ASP D 330 1.91 32.12 4.75
C ASP D 330 2.20 33.57 5.08
N VAL D 331 1.39 34.18 5.92
CA VAL D 331 1.59 35.57 6.29
C VAL D 331 1.61 35.75 7.80
N LEU D 332 2.57 36.51 8.30
CA LEU D 332 2.55 37.06 9.64
C LEU D 332 2.73 38.55 9.50
N ALA D 333 1.87 39.32 10.15
CA ALA D 333 1.99 40.77 10.03
C ALA D 333 1.54 41.44 11.31
N SER D 334 1.84 42.73 11.39
CA SER D 334 1.49 43.55 12.54
C SER D 334 1.14 44.96 12.07
N TYR D 335 0.30 45.62 12.87
CA TYR D 335 -0.10 47.02 12.68
C TYR D 335 -0.35 47.58 14.07
N PRO D 336 -0.06 48.87 14.29
CA PRO D 336 -0.17 49.40 15.67
C PRO D 336 -1.53 49.17 16.30
N PHE D 337 -2.59 49.05 15.50
CA PHE D 337 -3.96 48.82 15.96
C PHE D 337 -4.46 47.47 15.46
N PRO D 338 -5.39 46.83 16.18
CA PRO D 338 -5.94 45.55 15.69
C PRO D 338 -6.62 45.73 14.36
N ILE D 339 -6.57 44.68 13.54
CA ILE D 339 -7.13 44.70 12.19
C ILE D 339 -8.14 43.56 12.10
N ASP D 340 -9.40 43.92 11.85
CA ASP D 340 -10.47 42.95 11.64
C ASP D 340 -10.19 42.07 10.42
N CYS D 341 -9.87 40.78 10.65
CA CYS D 341 -9.50 39.93 9.53
C CYS D 341 -10.69 39.33 8.80
N LEU D 342 -11.85 39.20 9.45
CA LEU D 342 -13.05 38.86 8.70
C LEU D 342 -13.33 39.90 7.62
N GLU D 343 -13.18 41.17 7.97
CA GLU D 343 -13.39 42.24 7.00
C GLU D 343 -12.40 42.12 5.84
N LEU D 344 -11.09 42.06 6.13
CA LEU D 344 -10.10 41.84 5.08
C LEU D 344 -10.45 40.64 4.21
N ALA D 345 -10.70 39.49 4.84
CA ALA D 345 -11.01 38.29 4.08
C ALA D 345 -12.19 38.50 3.14
N LYS D 346 -13.16 39.32 3.54
CA LYS D 346 -14.25 39.66 2.63
C LYS D 346 -13.72 40.42 1.43
N THR D 347 -12.94 41.49 1.69
CA THR D 347 -12.32 42.24 0.60
C THR D 347 -11.50 41.33 -0.31
N GLY D 348 -10.80 40.34 0.25
CA GLY D 348 -10.04 39.40 -0.56
C GLY D 348 -10.88 38.52 -1.46
N LYS D 349 -12.14 38.28 -1.10
CA LYS D 349 -13.04 37.57 -2.00
C LYS D 349 -13.28 38.38 -3.27
N GLU D 350 -13.42 39.71 -3.11
CA GLU D 350 -13.61 40.59 -4.27
C GLU D 350 -12.52 40.41 -5.32
N TYR D 351 -11.33 40.02 -4.91
CA TYR D 351 -10.21 39.83 -5.83
C TYR D 351 -9.99 38.36 -6.16
N GLY D 352 -10.91 37.48 -5.80
CA GLY D 352 -10.72 36.05 -6.00
C GLY D 352 -9.96 35.30 -4.90
N LEU D 353 -9.44 35.99 -3.89
CA LEU D 353 -8.72 35.32 -2.82
C LEU D 353 -9.69 34.73 -1.81
N THR D 354 -9.45 33.48 -1.44
CA THR D 354 -10.18 32.82 -0.37
C THR D 354 -9.22 32.66 0.80
N MET D 355 -9.45 33.39 1.88
CA MET D 355 -8.49 33.46 2.97
C MET D 355 -9.02 32.80 4.23
N THR D 356 -8.13 32.12 4.95
CA THR D 356 -8.43 31.39 6.20
C THR D 356 -7.29 31.56 7.22
N PRO D 357 -7.47 31.13 8.50
CA PRO D 357 -6.35 31.42 9.40
C PRO D 357 -5.39 30.23 9.63
N LYS D 360 -7.09 27.37 13.08
CA LYS D 360 -8.09 27.60 12.05
C LYS D 360 -9.49 27.49 12.64
N SER D 361 -9.84 28.48 13.44
CA SER D 361 -11.12 28.56 14.11
C SER D 361 -12.22 28.82 13.07
N PRO D 362 -13.51 28.81 13.48
CA PRO D 362 -14.56 29.21 12.54
C PRO D 362 -14.79 30.71 12.59
N CYS D 363 -13.84 31.39 13.23
CA CYS D 363 -13.81 32.83 13.30
C CYS D 363 -12.37 33.26 13.07
N PHE D 364 -12.18 34.57 12.98
CA PHE D 364 -10.85 35.16 12.92
C PHE D 364 -10.64 35.85 14.26
N ASN D 365 -10.15 35.07 15.22
CA ASN D 365 -9.90 35.58 16.56
C ASN D 365 -8.70 36.53 16.53
N GLU D 366 -8.57 37.35 17.56
CA GLU D 366 -7.36 38.15 17.71
C GLU D 366 -6.14 37.22 17.71
N VAL D 367 -5.26 37.41 16.72
CA VAL D 367 -4.03 36.63 16.66
C VAL D 367 -3.07 37.20 17.68
N THR D 368 -2.53 36.32 18.52
CA THR D 368 -1.51 36.65 19.52
C THR D 368 -0.38 35.65 19.39
N TRP D 369 0.80 36.00 19.90
CA TRP D 369 1.95 35.08 19.84
C TRP D 369 1.62 33.73 20.44
N GLU D 370 0.61 33.65 21.30
CA GLU D 370 0.23 32.38 21.89
C GLU D 370 -0.43 31.45 20.88
N ASN D 371 -1.22 31.99 19.95
CA ASN D 371 -1.92 31.13 19.00
C ASN D 371 -1.45 31.29 17.56
N ALA D 372 -0.50 32.18 17.30
CA ALA D 372 -0.11 32.41 15.92
C ALA D 372 0.63 31.20 15.36
N THR D 373 0.62 31.10 14.03
CA THR D 373 1.26 30.00 13.33
C THR D 373 2.02 30.57 12.15
N PHE D 374 3.22 30.07 11.91
CA PHE D 374 3.98 30.48 10.73
C PHE D 374 4.90 29.34 10.36
N LEU D 375 4.90 28.97 9.07
CA LEU D 375 5.68 27.85 8.58
C LEU D 375 5.30 26.56 9.33
N LYS D 376 3.99 26.42 9.55
CA LYS D 376 3.36 25.32 10.28
C LYS D 376 3.86 25.19 11.73
N ARG D 377 4.43 26.25 12.29
CA ARG D 377 5.00 26.21 13.61
C ARG D 377 4.34 27.26 14.50
N GLY D 378 4.18 26.91 15.78
CA GLY D 378 3.71 27.83 16.78
C GLY D 378 4.83 28.57 17.50
N PHE D 379 4.42 29.39 18.46
CA PHE D 379 5.30 30.29 19.21
C PHE D 379 5.10 29.98 20.68
N LEU D 380 6.15 29.55 21.35
CA LEU D 380 6.13 29.24 22.78
C LEU D 380 7.33 29.91 23.42
N PRO D 381 7.14 30.99 24.17
CA PRO D 381 8.27 31.59 24.89
C PRO D 381 8.86 30.57 25.85
N ASP D 382 10.18 30.59 25.98
CA ASP D 382 10.87 29.69 26.90
C ASP D 382 10.63 30.11 28.34
N HIS D 383 10.46 29.12 29.21
CA HIS D 383 10.09 29.37 30.61
C HIS D 383 11.19 30.12 31.35
N GLN D 384 12.44 29.64 31.28
CA GLN D 384 13.55 30.37 31.88
C GLN D 384 13.69 31.76 31.24
N PHE D 385 13.87 31.81 29.92
CA PHE D 385 14.09 33.06 29.19
C PHE D 385 12.86 33.39 28.36
N PRO D 386 11.99 34.28 28.79
CA PRO D 386 10.78 34.62 28.01
C PRO D 386 11.05 35.43 26.75
N PHE D 387 12.27 35.97 26.58
CA PHE D 387 12.61 36.72 25.38
C PHE D 387 13.14 35.85 24.23
N LEU D 388 13.19 34.52 24.40
CA LEU D 388 13.59 33.56 23.38
C LEU D 388 12.40 32.67 23.05
N ILE D 389 12.09 32.50 21.76
CA ILE D 389 10.83 31.89 21.33
C ILE D 389 11.11 30.54 20.68
N HIS D 390 10.46 29.51 21.18
CA HIS D 390 10.56 28.18 20.59
C HIS D 390 9.64 28.11 19.39
N PRO D 391 10.12 27.63 18.24
CA PRO D 391 9.19 27.22 17.19
C PRO D 391 8.63 25.86 17.57
N THR D 392 7.32 25.77 17.73
CA THR D 392 6.68 24.52 18.15
C THR D 392 6.02 23.85 16.97
N MET D 393 6.30 22.56 16.80
CA MET D 393 5.66 21.74 15.80
C MET D 393 4.82 20.68 16.49
N PRO D 394 3.53 20.54 16.16
CA PRO D 394 2.69 19.58 16.88
C PRO D 394 3.26 18.17 16.80
N MET D 395 3.13 17.42 17.89
CA MET D 395 3.65 16.05 17.89
C MET D 395 2.89 15.15 16.93
N ARG D 396 1.64 15.48 16.59
CA ARG D 396 0.93 14.65 15.62
C ARG D 396 1.64 14.66 14.28
N GLU D 397 2.24 15.78 13.91
CA GLU D 397 2.87 15.88 12.59
C GLU D 397 4.16 15.08 12.55
N ILE D 398 4.96 15.14 13.61
CA ILE D 398 6.15 14.32 13.72
C ILE D 398 5.79 12.84 13.75
N HIS D 399 4.69 12.50 14.43
CA HIS D 399 4.21 11.12 14.41
C HIS D 399 3.89 10.67 13.00
N GLU D 400 3.19 11.51 12.24
CA GLU D 400 2.85 11.17 10.86
C GLU D 400 4.08 10.96 9.99
N SER D 401 5.10 11.82 10.16
CA SER D 401 6.32 11.73 9.35
C SER D 401 7.09 10.45 9.62
N ILE D 402 7.20 10.05 10.89
CA ILE D 402 8.14 8.98 11.25
C ILE D 402 7.65 7.63 10.78
N ARG D 403 6.35 7.51 10.49
CA ARG D 403 5.78 6.23 10.11
C ARG D 403 6.11 5.82 8.69
N TRP D 404 6.86 6.63 7.94
CA TRP D 404 7.03 6.39 6.52
C TRP D 404 8.48 6.62 6.12
N THR D 405 8.88 5.92 5.06
CA THR D 405 10.26 5.98 4.62
C THR D 405 10.33 5.84 3.11
N LYS D 406 11.33 6.49 2.52
CA LYS D 406 11.73 6.20 1.15
C LYS D 406 12.92 5.24 1.09
N ASP D 407 13.63 5.05 2.21
CA ASP D 407 14.74 4.11 2.27
C ASP D 407 15.11 3.89 3.72
N ALA D 408 15.16 2.63 4.13
CA ALA D 408 15.48 2.30 5.51
C ALA D 408 16.81 2.88 5.95
N ARG D 409 17.67 3.27 5.00
CA ARG D 409 19.01 3.71 5.32
C ARG D 409 19.09 5.16 5.78
N ASN D 410 18.02 5.95 5.66
CA ASN D 410 18.04 7.30 6.23
C ASN D 410 17.27 7.40 7.53
N THR D 411 16.89 6.27 8.11
CA THR D 411 16.25 6.25 9.43
C THR D 411 16.94 7.19 10.42
N GLN D 412 18.25 7.04 10.61
CA GLN D 412 18.97 7.88 11.58
C GLN D 412 18.84 9.36 11.21
N ASP D 413 19.12 9.71 9.95
CA ASP D 413 18.89 11.08 9.50
C ASP D 413 17.43 11.50 9.73
N HIS D 414 16.49 10.65 9.30
CA HIS D 414 15.07 10.97 9.46
C HIS D 414 14.71 11.18 10.93
N VAL D 415 15.04 10.21 11.79
CA VAL D 415 14.69 10.35 13.21
C VAL D 415 15.42 11.54 13.85
N ARG D 416 16.66 11.79 13.46
CA ARG D 416 17.35 12.89 14.13
C ARG D 416 16.73 14.23 13.76
N SER D 417 16.38 14.41 12.48
CA SER D 417 15.71 15.64 12.06
C SER D 417 14.43 15.85 12.84
N LEU D 418 13.64 14.79 13.06
CA LEU D 418 12.42 14.95 13.84
C LEU D 418 12.74 15.36 15.29
N CYS D 419 13.73 14.69 15.92
CA CYS D 419 14.11 15.04 17.28
C CYS D 419 14.44 16.52 17.41
N LEU D 420 15.16 17.08 16.43
CA LEU D 420 15.47 18.50 16.41
C LEU D 420 14.24 19.37 16.23
N LEU D 421 13.13 18.80 15.79
CA LEU D 421 11.87 19.52 15.68
C LEU D 421 11.04 19.37 16.94
N ALA D 422 11.00 18.14 17.48
CA ALA D 422 10.01 17.82 18.49
C ALA D 422 10.36 18.42 19.85
N TRP D 423 11.64 18.33 20.26
CA TRP D 423 12.04 18.68 21.62
C TRP D 423 11.51 20.03 22.09
N HIS D 424 11.32 20.98 21.17
CA HIS D 424 10.78 22.31 21.50
C HIS D 424 9.41 22.25 22.17
N ASN D 425 8.73 21.12 22.10
CA ASN D 425 7.47 20.95 22.81
C ASN D 425 7.64 20.67 24.29
N GLY D 426 8.85 20.55 24.78
CA GLY D 426 8.90 20.26 26.19
C GLY D 426 9.54 18.91 26.47
N LYS D 427 10.17 18.80 27.64
CA LYS D 427 10.86 17.57 28.02
C LYS D 427 9.91 16.39 28.08
N GLU D 428 8.73 16.56 28.67
CA GLU D 428 7.79 15.44 28.81
C GLU D 428 7.38 14.90 27.45
N GLU D 429 6.92 15.78 26.55
CA GLU D 429 6.56 15.32 25.21
C GLU D 429 7.75 14.66 24.53
N TYR D 430 8.95 15.25 24.69
CA TYR D 430 10.13 14.72 24.02
C TYR D 430 10.47 13.32 24.50
N GLU D 431 10.50 13.12 25.82
CA GLU D 431 10.91 11.83 26.38
C GLU D 431 9.93 10.72 26.03
N LYS D 432 8.64 11.04 25.91
CA LYS D 432 7.67 10.06 25.44
C LYS D 432 7.96 9.68 23.99
N PHE D 433 8.37 10.65 23.18
CA PHE D 433 8.74 10.39 21.80
C PHE D 433 9.92 9.43 21.73
N VAL D 434 11.06 9.83 22.31
CA VAL D 434 12.26 8.99 22.31
C VAL D 434 11.96 7.62 22.90
N SER D 435 11.08 7.55 23.90
CA SER D 435 10.77 6.27 24.51
C SER D 435 10.03 5.34 23.55
N THR D 436 9.07 5.87 22.77
CA THR D 436 8.39 5.03 21.80
C THR D 436 9.37 4.51 20.75
N ILE D 437 10.27 5.40 20.28
CA ILE D 437 11.29 5.00 19.32
C ILE D 437 12.13 3.86 19.88
N ARG D 438 12.52 3.96 21.16
CA ARG D 438 13.32 2.91 21.81
C ARG D 438 12.57 1.58 21.92
N SER D 439 11.27 1.55 21.66
CA SER D 439 10.48 0.34 21.86
C SER D 439 10.63 -0.69 20.76
N VAL D 440 11.29 -0.37 19.64
CA VAL D 440 11.55 -1.40 18.64
C VAL D 440 13.06 -1.52 18.46
N PRO D 441 13.59 -2.72 18.17
CA PRO D 441 15.05 -2.89 18.05
C PRO D 441 15.78 -1.84 17.23
N ILE D 442 15.23 -1.44 16.08
CA ILE D 442 15.91 -0.47 15.21
C ILE D 442 15.95 0.91 15.86
N GLY D 443 14.95 1.23 16.69
CA GLY D 443 15.04 2.43 17.48
C GLY D 443 16.17 2.40 18.49
N ARG D 444 16.48 1.24 19.05
CA ARG D 444 17.48 1.15 20.11
C ARG D 444 18.89 1.39 19.60
N ALA D 445 19.13 1.17 18.30
CA ALA D 445 20.44 1.36 17.72
C ALA D 445 20.70 2.80 17.28
N LEU D 446 19.69 3.66 17.30
CA LEU D 446 19.88 5.04 16.85
C LEU D 446 20.59 5.88 17.89
N ALA D 447 21.34 6.88 17.42
CA ALA D 447 21.89 7.92 18.29
C ALA D 447 20.85 9.02 18.48
N ILE D 448 20.40 9.23 19.71
CA ILE D 448 19.33 10.15 20.04
C ILE D 448 19.85 11.16 21.06
N PRO D 449 19.71 12.45 20.81
CA PRO D 449 20.19 13.44 21.79
C PRO D 449 19.23 13.63 22.94
N ASN D 450 19.78 13.98 24.09
CA ASN D 450 18.96 14.21 25.27
C ASN D 450 18.41 15.63 25.27
N TYR D 451 17.23 15.78 25.90
CA TYR D 451 16.50 17.04 25.81
C TYR D 451 17.33 18.23 26.29
N GLU D 452 18.14 18.02 27.35
CA GLU D 452 18.97 19.09 27.91
C GLU D 452 20.14 19.45 27.02
N ASN D 453 20.66 18.50 26.25
CA ASN D 453 21.68 18.85 25.27
C ASN D 453 21.06 19.67 24.14
N LEU D 454 19.89 19.23 23.64
CA LEU D 454 19.15 20.00 22.63
C LEU D 454 18.88 21.42 23.11
N ARG D 455 18.44 21.56 24.36
CA ARG D 455 18.04 22.88 24.85
C ARG D 455 19.26 23.77 25.05
N ARG D 456 20.33 23.20 25.58
CA ARG D 456 21.57 23.93 25.75
C ARG D 456 22.14 24.39 24.42
N ASN D 457 22.21 23.50 23.42
CA ASN D 457 22.70 23.89 22.09
C ASN D 457 21.90 25.08 21.58
N TRP D 458 20.57 25.01 21.72
CA TRP D 458 19.68 26.07 21.24
C TRP D 458 19.88 27.36 22.02
N LEU D 459 20.02 27.27 23.34
CA LEU D 459 20.31 28.45 24.15
C LEU D 459 21.63 29.09 23.74
N GLU D 460 22.61 28.28 23.32
CA GLU D 460 23.88 28.81 22.86
C GLU D 460 23.80 29.60 21.58
N LEU D 461 22.74 29.44 20.78
CA LEU D 461 22.69 30.16 19.54
C LEU D 461 22.60 31.67 19.77
N PHE D 462 22.19 32.10 20.95
CA PHE D 462 21.93 33.52 21.18
C PHE D 462 23.03 34.12 22.04
#